data_8VJO
#
_entry.id   8VJO
#
_cell.length_a   1.00
_cell.length_b   1.00
_cell.length_c   1.00
_cell.angle_alpha   90.00
_cell.angle_beta   90.00
_cell.angle_gamma   90.00
#
_symmetry.space_group_name_H-M   'P 1'
#
loop_
_entity.id
_entity.type
_entity.pdbx_description
1 polymer EncA
2 polymer 'Encapsulin nanocompartment cargo protein EncD'
#
loop_
_entity_poly.entity_id
_entity_poly.type
_entity_poly.pdbx_seq_one_letter_code
_entity_poly.pdbx_strand_id
1 'polypeptide(L)'
;MHHHHHHMPLEPHFMPDFLGHAENPLREEEWARLNETVIQVARRSLVGRRILDIYGPLGAGVQTVPYDEFQGVSPGAVDI
VGEQETAMVFTDARKFKTIPIIYKDFLLHWRDIEAARTHNMPLDVSAAAGAAALCAQQEDELIFYGDARLGYEGLMTANG
RLTVPLGDWTSPGGGFQAIVEATRKLNEQGHFGPYAVVLSPRLYSQLHRIYEKTGVLEIETIRQLASDGVYQSNRLRGES
GVVVSTGRENMDLAVSMDMVAAYLGASRMNHPFRVLEALLLRIKHPDAICTLEGAGATERR
;
A,B,C
2 'polypeptide(L)' GLTVGSLRG F,G,H
#
# COMPACT_ATOMS: atom_id res chain seq x y z
N ASP A 17 13.03 13.74 -15.08
CA ASP A 17 12.16 14.37 -16.07
C ASP A 17 10.69 13.98 -15.87
N PHE A 18 9.94 13.94 -16.97
CA PHE A 18 8.51 13.63 -16.89
C PHE A 18 8.27 12.18 -16.50
N LEU A 19 9.16 11.28 -16.87
CA LEU A 19 9.18 9.96 -16.25
C LEU A 19 9.73 10.11 -14.85
N GLY A 20 8.95 9.72 -13.85
CA GLY A 20 9.37 9.97 -12.49
C GLY A 20 8.44 10.89 -11.74
N HIS A 21 8.39 10.69 -10.43
CA HIS A 21 7.48 11.43 -9.56
C HIS A 21 8.22 12.63 -8.95
N ALA A 22 8.59 13.55 -9.82
CA ALA A 22 9.43 14.67 -9.39
C ALA A 22 8.58 15.76 -8.78
N GLU A 23 8.92 16.15 -7.55
CA GLU A 23 8.39 17.36 -6.96
C GLU A 23 8.91 18.57 -7.73
N ASN A 24 8.11 19.63 -7.74
CA ASN A 24 8.37 20.90 -8.42
C ASN A 24 8.60 20.73 -9.92
N PRO A 25 7.58 20.39 -10.71
CA PRO A 25 7.76 20.35 -12.17
C PRO A 25 7.97 21.70 -12.83
N LEU A 26 7.76 22.80 -12.12
CA LEU A 26 7.87 24.14 -12.66
C LEU A 26 9.17 24.83 -12.25
N ARG A 27 9.67 25.67 -13.13
CA ARG A 27 10.81 26.49 -12.81
C ARG A 27 10.38 27.67 -11.95
N GLU A 28 11.35 28.46 -11.49
CA GLU A 28 11.09 29.58 -10.59
C GLU A 28 10.30 30.67 -11.29
N GLU A 29 10.62 30.94 -12.57
CA GLU A 29 9.89 31.91 -13.36
C GLU A 29 8.45 31.49 -13.60
N GLU A 30 8.23 30.20 -13.85
CA GLU A 30 6.88 29.69 -14.06
C GLU A 30 6.08 29.72 -12.78
N TRP A 31 6.73 29.47 -11.63
CA TRP A 31 6.06 29.59 -10.34
C TRP A 31 5.66 31.02 -10.06
N ALA A 32 6.54 31.97 -10.38
CA ALA A 32 6.25 33.39 -10.21
C ALA A 32 5.12 33.84 -11.11
N ARG A 33 5.11 33.37 -12.36
CA ARG A 33 4.03 33.72 -13.27
C ARG A 33 2.70 33.11 -12.86
N LEU A 34 2.73 31.87 -12.38
CA LEU A 34 1.53 31.19 -11.86
C LEU A 34 0.95 31.95 -10.67
N ASN A 35 1.82 32.32 -9.74
CA ASN A 35 1.39 33.02 -8.54
C ASN A 35 0.84 34.40 -8.86
N GLU A 36 1.50 35.15 -9.75
CA GLU A 36 1.01 36.49 -10.06
C GLU A 36 -0.26 36.45 -10.91
N THR A 37 -0.46 35.40 -11.71
CA THR A 37 -1.74 35.18 -12.38
C THR A 37 -2.86 34.96 -11.38
N VAL A 38 -2.60 34.14 -10.35
CA VAL A 38 -3.56 33.89 -9.27
C VAL A 38 -3.91 35.19 -8.54
N ILE A 39 -2.89 36.02 -8.28
CA ILE A 39 -3.09 37.29 -7.58
C ILE A 39 -3.90 38.27 -8.40
N GLN A 40 -3.63 38.36 -9.71
CA GLN A 40 -4.35 39.31 -10.56
C GLN A 40 -5.80 38.89 -10.75
N VAL A 41 -6.06 37.59 -10.91
CA VAL A 41 -7.43 37.11 -11.08
C VAL A 41 -8.23 37.28 -9.79
N ALA A 42 -7.58 37.07 -8.65
CA ALA A 42 -8.25 37.26 -7.37
C ALA A 42 -8.53 38.73 -7.10
N ARG A 43 -7.59 39.62 -7.43
CA ARG A 43 -7.85 41.06 -7.27
C ARG A 43 -8.90 41.56 -8.23
N ARG A 44 -9.06 40.88 -9.35
CA ARG A 44 -10.11 41.24 -10.30
C ARG A 44 -11.48 40.78 -9.85
N SER A 45 -11.59 39.71 -9.07
CA SER A 45 -12.89 39.11 -8.89
C SER A 45 -13.34 38.97 -7.43
N LEU A 46 -12.71 39.69 -6.50
CA LEU A 46 -13.09 39.64 -5.09
C LEU A 46 -13.81 40.93 -4.72
N VAL A 47 -15.07 40.81 -4.32
CA VAL A 47 -15.85 41.96 -3.91
C VAL A 47 -15.83 42.07 -2.38
N GLY A 48 -15.65 40.94 -1.69
CA GLY A 48 -15.70 40.93 -0.23
C GLY A 48 -14.53 41.68 0.40
N ARG A 49 -13.37 41.61 -0.22
CA ARG A 49 -12.22 42.35 0.27
C ARG A 49 -12.32 43.85 -0.01
N ARG A 50 -13.20 44.28 -0.90
CA ARG A 50 -13.40 45.71 -1.13
C ARG A 50 -14.10 46.38 0.05
N ILE A 51 -14.96 45.64 0.75
CA ILE A 51 -15.80 46.21 1.80
C ILE A 51 -15.38 45.78 3.19
N LEU A 52 -14.44 44.85 3.33
CA LEU A 52 -14.06 44.30 4.62
C LEU A 52 -12.60 44.59 4.90
N ASP A 53 -12.28 44.87 6.15
CA ASP A 53 -10.89 44.96 6.54
C ASP A 53 -10.33 43.56 6.82
N ILE A 54 -9.04 43.44 6.68
CA ILE A 54 -8.35 42.18 6.93
C ILE A 54 -7.74 42.27 8.31
N TYR A 55 -8.02 41.28 9.17
CA TYR A 55 -7.34 41.22 10.46
C TYR A 55 -5.84 40.99 10.28
N GLY A 56 -5.44 40.30 9.23
CA GLY A 56 -4.05 40.34 8.85
C GLY A 56 -3.62 38.94 8.73
N PRO A 57 -2.51 38.67 8.03
CA PRO A 57 -2.09 37.28 7.80
C PRO A 57 -1.61 36.65 9.09
N LEU A 58 -2.39 35.71 9.59
CA LEU A 58 -2.12 35.11 10.88
C LEU A 58 -1.08 33.99 10.79
N GLY A 59 -0.79 33.53 9.60
CA GLY A 59 -0.02 32.33 9.36
C GLY A 59 -0.94 31.15 9.13
N ALA A 60 -0.47 30.21 8.31
CA ALA A 60 -1.28 29.06 7.93
C ALA A 60 -1.53 28.09 9.07
N GLY A 61 -0.72 28.14 10.12
CA GLY A 61 -0.97 27.33 11.29
C GLY A 61 -2.13 27.80 12.15
N VAL A 62 -2.50 29.08 12.07
CA VAL A 62 -3.65 29.56 12.82
C VAL A 62 -4.91 29.02 12.17
N GLN A 63 -5.60 28.15 12.88
CA GLN A 63 -6.78 27.50 12.36
C GLN A 63 -8.05 27.97 13.00
N THR A 64 -7.97 28.69 14.10
CA THR A 64 -9.13 29.11 14.87
C THR A 64 -8.91 30.55 15.27
N VAL A 65 -9.97 31.35 15.25
CA VAL A 65 -9.82 32.77 15.56
C VAL A 65 -10.94 33.10 16.54
N PRO A 66 -10.76 34.05 17.47
CA PRO A 66 -11.88 34.47 18.32
C PRO A 66 -13.01 35.08 17.52
N TYR A 67 -14.22 34.78 17.91
CA TYR A 67 -15.42 35.31 17.28
C TYR A 67 -16.16 36.09 18.36
N ASP A 68 -15.80 37.35 18.52
CA ASP A 68 -16.47 38.22 19.47
C ASP A 68 -17.74 38.74 18.86
N GLU A 69 -18.85 38.61 19.58
CA GLU A 69 -20.15 39.00 19.07
C GLU A 69 -20.77 39.98 20.06
N PHE A 70 -21.09 41.17 19.58
CA PHE A 70 -21.64 42.24 20.39
C PHE A 70 -23.10 42.47 19.98
N GLN A 71 -23.97 42.60 20.97
CA GLN A 71 -25.40 42.64 20.70
C GLN A 71 -25.99 44.04 20.72
N GLY A 72 -25.38 44.96 21.46
CA GLY A 72 -25.82 46.33 21.48
C GLY A 72 -24.64 47.27 21.37
N VAL A 73 -24.95 48.54 21.16
CA VAL A 73 -23.94 49.58 21.17
C VAL A 73 -23.92 50.22 22.55
N SER A 74 -22.73 50.39 23.09
CA SER A 74 -22.52 51.10 24.35
C SER A 74 -21.69 52.32 24.06
N PRO A 75 -22.25 53.53 24.12
CA PRO A 75 -21.54 54.71 23.61
C PRO A 75 -20.46 55.18 24.57
N GLY A 76 -19.69 56.14 24.11
CA GLY A 76 -18.68 56.75 24.94
C GLY A 76 -19.29 57.64 26.01
N ALA A 77 -18.45 58.08 26.92
CA ALA A 77 -18.88 58.94 28.00
C ALA A 77 -18.25 60.31 27.83
N VAL A 78 -19.01 61.33 28.20
CA VAL A 78 -18.50 62.69 28.36
C VAL A 78 -18.81 63.11 29.79
N ASP A 79 -17.76 63.33 30.58
CA ASP A 79 -17.93 63.90 31.93
C ASP A 79 -16.62 64.55 32.35
N ILE A 80 -16.70 65.33 33.41
CA ILE A 80 -15.56 66.06 33.94
C ILE A 80 -14.56 65.11 34.58
N VAL A 81 -15.06 64.18 35.38
CA VAL A 81 -14.25 63.17 36.04
C VAL A 81 -14.67 61.84 35.45
N GLY A 82 -13.73 61.13 34.83
CA GLY A 82 -14.11 59.95 34.06
C GLY A 82 -14.41 58.73 34.90
N GLU A 83 -15.50 58.78 35.67
CA GLU A 83 -15.87 57.71 36.59
C GLU A 83 -17.02 56.85 36.08
N GLN A 84 -17.39 56.97 34.82
CA GLN A 84 -18.48 56.18 34.27
C GLN A 84 -17.93 54.89 33.69
N GLU A 85 -18.59 53.78 34.02
CA GLU A 85 -18.25 52.50 33.41
C GLU A 85 -18.75 52.49 31.97
N THR A 86 -17.83 52.27 31.03
CA THR A 86 -18.13 52.49 29.63
C THR A 86 -17.61 51.38 28.72
N ALA A 87 -17.41 50.18 29.26
CA ALA A 87 -16.96 49.05 28.48
C ALA A 87 -18.13 48.12 28.19
N MET A 88 -17.99 47.36 27.12
CA MET A 88 -18.94 46.27 26.84
C MET A 88 -18.79 45.20 27.91
N VAL A 89 -19.90 44.51 28.18
CA VAL A 89 -20.00 43.59 29.32
C VAL A 89 -19.07 42.38 29.17
N PHE A 90 -18.80 41.95 27.92
CA PHE A 90 -17.80 40.92 27.54
C PHE A 90 -18.03 39.59 28.25
N THR A 91 -19.28 39.23 28.42
CA THR A 91 -19.70 38.06 29.18
C THR A 91 -20.17 36.97 28.22
N ASP A 92 -20.68 35.87 28.81
CA ASP A 92 -21.39 34.80 28.12
C ASP A 92 -20.54 34.12 27.04
N ALA A 93 -19.45 33.48 27.49
CA ALA A 93 -18.82 32.34 26.81
C ALA A 93 -18.30 32.68 25.41
N ARG A 94 -17.26 33.53 25.39
CA ARG A 94 -16.57 34.01 24.18
C ARG A 94 -16.22 32.89 23.21
N LYS A 95 -16.80 32.99 22.02
CA LYS A 95 -16.75 31.94 21.00
C LYS A 95 -15.47 32.02 20.20
N PHE A 96 -15.13 30.89 19.62
CA PHE A 96 -14.05 30.78 18.66
C PHE A 96 -14.62 30.08 17.44
N LYS A 97 -14.05 30.37 16.28
CA LYS A 97 -14.50 29.67 15.09
C LYS A 97 -13.31 29.26 14.25
N THR A 98 -13.47 28.11 13.59
CA THR A 98 -12.40 27.52 12.79
C THR A 98 -12.31 28.22 11.45
N ILE A 99 -11.10 28.58 11.06
CA ILE A 99 -10.86 29.15 9.73
C ILE A 99 -10.88 28.03 8.70
N PRO A 100 -11.79 28.07 7.73
CA PRO A 100 -11.84 27.02 6.72
C PRO A 100 -10.78 27.23 5.65
N ILE A 101 -10.57 26.21 4.83
CA ILE A 101 -9.75 26.31 3.63
C ILE A 101 -10.67 26.40 2.43
N ILE A 102 -10.46 27.42 1.60
CA ILE A 102 -11.22 27.66 0.38
C ILE A 102 -10.27 27.35 -0.76
N TYR A 103 -10.66 26.44 -1.64
CA TYR A 103 -9.70 25.92 -2.58
C TYR A 103 -10.37 25.45 -3.86
N LYS A 104 -9.59 25.45 -4.93
CA LYS A 104 -9.98 24.88 -6.21
C LYS A 104 -8.74 24.28 -6.85
N ASP A 105 -8.87 23.12 -7.47
CA ASP A 105 -7.75 22.46 -8.10
C ASP A 105 -7.74 22.72 -9.60
N PHE A 106 -6.54 22.83 -10.16
CA PHE A 106 -6.36 22.89 -11.59
C PHE A 106 -5.27 21.92 -12.02
N LEU A 107 -5.21 21.66 -13.32
CA LEU A 107 -4.36 20.60 -13.84
C LEU A 107 -3.50 21.14 -14.98
N LEU A 108 -2.21 20.84 -14.94
CA LEU A 108 -1.31 21.04 -16.06
C LEU A 108 -0.96 19.70 -16.66
N HIS A 109 -1.06 19.62 -17.98
CA HIS A 109 -0.62 18.44 -18.69
C HIS A 109 0.90 18.42 -18.75
N TRP A 110 1.49 17.23 -18.59
CA TRP A 110 2.93 17.12 -18.57
C TRP A 110 3.57 17.39 -19.93
N ARG A 111 2.85 17.10 -21.01
CA ARG A 111 3.40 17.38 -22.32
C ARG A 111 3.41 18.87 -22.63
N ASP A 112 2.54 19.66 -21.99
CA ASP A 112 2.67 21.11 -22.07
C ASP A 112 3.92 21.60 -21.37
N ILE A 113 4.29 20.97 -20.26
CA ILE A 113 5.50 21.35 -19.56
C ILE A 113 6.73 20.92 -20.35
N GLU A 114 6.68 19.74 -20.95
CA GLU A 114 7.75 19.27 -21.82
C GLU A 114 7.86 20.10 -23.09
N ALA A 115 6.73 20.61 -23.61
CA ALA A 115 6.76 21.55 -24.71
C ALA A 115 7.37 22.88 -24.26
N ALA A 116 7.09 23.30 -23.03
CA ALA A 116 7.67 24.51 -22.48
C ALA A 116 9.17 24.40 -22.31
N ARG A 117 9.69 23.19 -22.12
CA ARG A 117 11.12 23.04 -22.02
C ARG A 117 11.81 22.89 -23.38
N THR A 118 11.22 22.23 -24.38
CA THR A 118 11.91 22.07 -25.67
C THR A 118 11.28 22.77 -26.88
N HIS A 119 10.02 22.44 -27.20
CA HIS A 119 9.24 22.78 -28.41
C HIS A 119 8.48 24.06 -28.03
N ASN A 120 7.37 24.40 -28.69
CA ASN A 120 6.60 25.63 -28.44
C ASN A 120 6.37 25.97 -26.96
N MET A 121 6.99 27.07 -26.60
CA MET A 121 7.51 27.45 -25.30
C MET A 121 6.63 28.03 -24.19
N PRO A 122 5.75 29.02 -24.39
CA PRO A 122 5.15 29.68 -23.22
C PRO A 122 4.11 28.81 -22.53
N LEU A 123 4.36 28.53 -21.25
CA LEU A 123 3.48 27.67 -20.48
C LEU A 123 2.19 28.39 -20.15
N ASP A 124 1.08 27.87 -20.65
CA ASP A 124 -0.21 28.49 -20.42
C ASP A 124 -0.70 28.15 -19.03
N VAL A 125 -1.17 29.16 -18.32
CA VAL A 125 -1.61 29.03 -16.94
C VAL A 125 -3.06 29.45 -16.85
N SER A 126 -3.81 29.24 -17.94
CA SER A 126 -5.22 29.61 -17.96
C SER A 126 -6.06 28.75 -17.04
N ALA A 127 -5.66 27.50 -16.80
CA ALA A 127 -6.35 26.69 -15.81
C ALA A 127 -6.11 27.20 -14.39
N ALA A 128 -4.93 27.76 -14.14
CA ALA A 128 -4.65 28.44 -12.88
C ALA A 128 -5.54 29.66 -12.70
N ALA A 129 -5.75 30.42 -13.77
CA ALA A 129 -6.63 31.58 -13.71
C ALA A 129 -8.08 31.17 -13.50
N GLY A 130 -8.49 30.07 -14.13
CA GLY A 130 -9.85 29.57 -13.91
C GLY A 130 -10.07 29.06 -12.50
N ALA A 131 -9.08 28.37 -11.94
CA ALA A 131 -9.18 27.89 -10.57
C ALA A 131 -9.08 29.03 -9.57
N ALA A 132 -8.28 30.06 -9.86
CA ALA A 132 -8.23 31.22 -8.99
C ALA A 132 -9.53 32.00 -9.00
N ALA A 133 -10.17 32.09 -10.17
CA ALA A 133 -11.49 32.71 -10.25
C ALA A 133 -12.53 31.92 -9.49
N LEU A 134 -12.47 30.59 -9.55
CA LEU A 134 -13.45 29.80 -8.80
C LEU A 134 -13.18 29.83 -7.29
N CYS A 135 -11.93 29.90 -6.88
CA CYS A 135 -11.61 30.06 -5.47
C CYS A 135 -12.06 31.43 -4.96
N ALA A 136 -11.92 32.47 -5.78
CA ALA A 136 -12.44 33.78 -5.44
C ALA A 136 -13.96 33.81 -5.36
N GLN A 137 -14.64 33.13 -6.29
CA GLN A 137 -16.10 33.03 -6.20
C GLN A 137 -16.55 32.25 -4.98
N GLN A 138 -15.77 31.25 -4.57
CA GLN A 138 -16.08 30.52 -3.35
C GLN A 138 -15.86 31.37 -2.11
N GLU A 139 -14.82 32.22 -2.11
CA GLU A 139 -14.60 33.14 -1.01
C GLU A 139 -15.73 34.16 -0.89
N ASP A 140 -16.19 34.69 -2.01
CA ASP A 140 -17.31 35.64 -1.98
C ASP A 140 -18.62 34.95 -1.60
N GLU A 141 -18.82 33.70 -2.02
CA GLU A 141 -19.98 32.94 -1.55
C GLU A 141 -19.92 32.68 -0.05
N LEU A 142 -18.72 32.44 0.49
CA LEU A 142 -18.56 32.28 1.93
C LEU A 142 -18.80 33.58 2.67
N ILE A 143 -18.38 34.71 2.10
CA ILE A 143 -18.57 36.01 2.73
C ILE A 143 -20.05 36.39 2.72
N PHE A 144 -20.75 36.14 1.63
CA PHE A 144 -22.13 36.61 1.59
C PHE A 144 -23.13 35.62 2.14
N TYR A 145 -22.96 34.32 1.93
CA TYR A 145 -23.97 33.37 2.35
C TYR A 145 -23.46 32.34 3.33
N GLY A 146 -22.20 32.39 3.69
CA GLY A 146 -21.68 31.48 4.69
C GLY A 146 -21.56 30.05 4.20
N ASP A 147 -21.59 29.16 5.18
CA ASP A 147 -21.58 27.72 4.92
C ASP A 147 -22.45 27.07 5.97
N ALA A 148 -23.44 26.29 5.52
CA ALA A 148 -24.39 25.68 6.45
C ALA A 148 -23.74 24.53 7.22
N ARG A 149 -23.01 23.66 6.53
CA ARG A 149 -22.47 22.47 7.18
C ARG A 149 -21.30 22.79 8.11
N LEU A 150 -20.59 23.88 7.88
CA LEU A 150 -19.55 24.31 8.79
C LEU A 150 -20.03 25.35 9.80
N GLY A 151 -21.29 25.74 9.72
CA GLY A 151 -21.87 26.72 10.64
C GLY A 151 -21.31 28.11 10.52
N TYR A 152 -21.14 28.62 9.30
CA TYR A 152 -20.65 29.96 9.07
C TYR A 152 -21.81 30.84 8.63
N GLU A 153 -21.91 32.02 9.22
CA GLU A 153 -22.89 33.01 8.81
C GLU A 153 -22.25 33.95 7.80
N GLY A 154 -22.97 34.24 6.72
CA GLY A 154 -22.56 35.25 5.78
C GLY A 154 -23.25 36.57 6.10
N LEU A 155 -22.96 37.57 5.27
CA LEU A 155 -23.59 38.86 5.43
C LEU A 155 -25.10 38.79 5.15
N MET A 156 -25.49 37.98 4.17
CA MET A 156 -26.90 37.85 3.85
C MET A 156 -27.63 36.87 4.75
N THR A 157 -26.93 36.09 5.58
CA THR A 157 -27.56 35.08 6.41
C THR A 157 -27.32 35.27 7.90
N ALA A 158 -26.72 36.38 8.31
CA ALA A 158 -26.41 36.60 9.72
C ALA A 158 -27.69 36.75 10.55
N ASN A 159 -27.68 36.18 11.75
CA ASN A 159 -28.86 36.22 12.61
C ASN A 159 -28.92 37.58 13.29
N GLY A 160 -29.90 38.36 12.89
CA GLY A 160 -30.21 39.69 13.39
C GLY A 160 -29.61 40.58 12.33
N ARG A 161 -30.42 41.05 11.41
CA ARG A 161 -29.84 41.53 10.18
C ARG A 161 -30.56 42.79 9.68
N LEU A 162 -31.50 43.33 10.46
CA LEU A 162 -32.08 44.67 10.28
C LEU A 162 -32.78 44.91 8.94
N THR A 163 -33.31 43.84 8.33
CA THR A 163 -33.67 43.82 6.92
C THR A 163 -34.76 44.82 6.54
N VAL A 164 -34.53 45.56 5.44
CA VAL A 164 -35.52 46.47 4.89
C VAL A 164 -36.20 45.79 3.70
N PRO A 165 -37.42 46.16 3.34
CA PRO A 165 -37.98 45.68 2.07
C PRO A 165 -37.30 46.30 0.88
N LEU A 166 -37.32 45.56 -0.23
CA LEU A 166 -36.76 46.01 -1.50
C LEU A 166 -37.92 46.39 -2.39
N GLY A 167 -38.24 47.68 -2.44
CA GLY A 167 -39.46 48.07 -3.12
C GLY A 167 -39.31 48.73 -4.48
N ASP A 168 -39.62 47.99 -5.55
CA ASP A 168 -39.89 48.51 -6.89
C ASP A 168 -38.72 49.30 -7.50
N TRP A 169 -37.60 48.62 -7.70
CA TRP A 169 -36.43 49.25 -8.32
C TRP A 169 -36.56 49.39 -9.84
N THR A 170 -37.65 48.92 -10.43
CA THR A 170 -37.87 49.16 -11.86
C THR A 170 -38.20 50.61 -12.16
N SER A 171 -38.69 51.35 -11.20
CA SER A 171 -38.77 52.78 -11.40
C SER A 171 -37.53 53.45 -10.81
N PRO A 172 -37.04 54.51 -11.42
CA PRO A 172 -35.90 55.22 -10.84
C PRO A 172 -36.27 55.93 -9.54
N GLY A 173 -35.37 55.86 -8.58
CA GLY A 173 -35.60 56.36 -7.25
C GLY A 173 -35.97 55.30 -6.24
N GLY A 174 -36.37 54.11 -6.67
CA GLY A 174 -36.65 53.04 -5.74
C GLY A 174 -35.42 52.55 -5.02
N GLY A 175 -34.29 52.55 -5.73
CA GLY A 175 -33.02 52.20 -5.12
C GLY A 175 -32.57 53.18 -4.07
N PHE A 176 -32.75 54.47 -4.33
CA PHE A 176 -32.43 55.50 -3.35
C PHE A 176 -33.28 55.39 -2.10
N GLN A 177 -34.58 55.10 -2.26
CA GLN A 177 -35.48 54.91 -1.14
C GLN A 177 -35.10 53.69 -0.31
N ALA A 178 -34.71 52.61 -0.98
CA ALA A 178 -34.27 51.40 -0.29
C ALA A 178 -32.99 51.64 0.51
N ILE A 179 -32.02 52.35 -0.08
CA ILE A 179 -30.76 52.57 0.63
C ILE A 179 -30.93 53.57 1.77
N VAL A 180 -31.79 54.59 1.62
CA VAL A 180 -32.00 55.49 2.76
C VAL A 180 -32.78 54.82 3.87
N GLU A 181 -33.69 53.88 3.54
CA GLU A 181 -34.35 53.11 4.59
C GLU A 181 -33.38 52.18 5.30
N ALA A 182 -32.44 51.58 4.54
CA ALA A 182 -31.42 50.72 5.12
C ALA A 182 -30.48 51.49 6.04
N THR A 183 -30.03 52.66 5.60
CA THR A 183 -29.14 53.46 6.43
C THR A 183 -29.87 54.08 7.62
N ARG A 184 -31.17 54.33 7.49
CA ARG A 184 -31.97 54.77 8.63
C ARG A 184 -32.09 53.68 9.69
N LYS A 185 -32.33 52.45 9.25
CA LYS A 185 -32.38 51.32 10.19
C LYS A 185 -31.02 51.04 10.80
N LEU A 186 -29.95 51.30 10.06
CA LEU A 186 -28.61 51.18 10.62
C LEU A 186 -28.30 52.32 11.59
N ASN A 187 -28.85 53.50 11.34
CA ASN A 187 -28.71 54.63 12.26
C ASN A 187 -29.39 54.34 13.58
N GLU A 188 -30.53 53.64 13.55
CA GLU A 188 -31.26 53.29 14.76
C GLU A 188 -30.49 52.34 15.68
N GLN A 189 -29.54 51.56 15.16
CA GLN A 189 -28.73 50.69 15.99
C GLN A 189 -27.38 51.29 16.32
N GLY A 190 -27.19 52.57 16.07
CA GLY A 190 -25.94 53.21 16.37
C GLY A 190 -24.83 52.93 15.38
N HIS A 191 -25.17 52.52 14.18
CA HIS A 191 -24.19 52.33 13.13
C HIS A 191 -24.38 53.46 12.13
N PHE A 192 -23.58 54.50 12.32
CA PHE A 192 -23.68 55.73 11.56
C PHE A 192 -22.64 55.82 10.48
N GLY A 193 -21.82 54.77 10.32
CA GLY A 193 -20.53 54.86 9.69
C GLY A 193 -20.61 55.02 8.20
N PRO A 194 -19.45 55.04 7.54
CA PRO A 194 -19.46 55.02 6.08
C PRO A 194 -19.99 53.67 5.61
N TYR A 195 -21.02 53.72 4.80
CA TYR A 195 -21.72 52.53 4.39
C TYR A 195 -21.13 51.97 3.11
N ALA A 196 -21.28 50.67 2.94
CA ALA A 196 -21.00 50.02 1.68
C ALA A 196 -22.26 49.32 1.24
N VAL A 197 -22.52 49.36 -0.05
CA VAL A 197 -23.64 48.65 -0.64
C VAL A 197 -23.08 47.61 -1.58
N VAL A 198 -23.54 46.39 -1.46
CA VAL A 198 -23.29 45.36 -2.45
C VAL A 198 -24.64 44.93 -3.00
N LEU A 199 -24.76 44.88 -4.31
CA LEU A 199 -26.02 44.51 -4.91
C LEU A 199 -25.79 43.34 -5.85
N SER A 200 -26.89 42.72 -6.22
CA SER A 200 -26.86 41.76 -7.29
C SER A 200 -26.68 42.50 -8.61
N PRO A 201 -26.23 41.81 -9.67
CA PRO A 201 -26.09 42.47 -10.97
C PRO A 201 -27.38 43.03 -11.57
N ARG A 202 -28.55 42.48 -11.24
CA ARG A 202 -29.81 43.06 -11.70
C ARG A 202 -30.08 44.41 -11.04
N LEU A 203 -29.94 44.47 -9.73
CA LEU A 203 -30.16 45.72 -8.99
C LEU A 203 -29.12 46.76 -9.31
N TYR A 204 -27.86 46.35 -9.44
CA TYR A 204 -26.80 47.27 -9.82
C TYR A 204 -27.01 47.81 -11.22
N SER A 205 -27.47 46.98 -12.15
CA SER A 205 -27.76 47.45 -13.49
C SER A 205 -28.94 48.41 -13.51
N GLN A 206 -29.94 48.19 -12.65
CA GLN A 206 -31.08 49.10 -12.58
C GLN A 206 -30.74 50.45 -11.98
N LEU A 207 -29.66 50.56 -11.21
CA LEU A 207 -29.20 51.85 -10.75
C LEU A 207 -28.51 52.67 -11.83
N HIS A 208 -28.16 52.07 -12.97
CA HIS A 208 -27.46 52.77 -14.03
C HIS A 208 -28.45 53.38 -15.03
N ARG A 209 -29.33 54.22 -14.50
CA ARG A 209 -30.33 54.91 -15.28
C ARG A 209 -30.28 56.39 -14.94
N ILE A 210 -30.22 57.22 -15.98
CA ILE A 210 -30.18 58.67 -15.83
C ILE A 210 -31.57 59.24 -15.59
N TYR A 211 -32.59 58.37 -15.65
CA TYR A 211 -34.01 58.69 -15.55
C TYR A 211 -34.46 58.92 -14.11
N GLU A 212 -33.50 59.06 -13.18
CA GLU A 212 -33.77 59.55 -11.84
C GLU A 212 -34.49 60.89 -11.86
N LYS A 213 -34.11 61.77 -12.79
CA LYS A 213 -34.80 62.98 -13.24
C LYS A 213 -34.71 64.11 -12.23
N THR A 214 -34.05 63.89 -11.10
CA THR A 214 -33.54 64.90 -10.19
C THR A 214 -32.05 65.10 -10.41
N GLY A 215 -31.58 65.02 -11.65
CA GLY A 215 -30.15 64.93 -11.83
C GLY A 215 -29.67 63.89 -12.81
N VAL A 216 -28.92 62.95 -12.25
CA VAL A 216 -27.87 62.18 -12.88
C VAL A 216 -28.22 60.71 -12.61
N LEU A 217 -27.35 59.79 -13.05
CA LEU A 217 -27.50 58.36 -12.80
C LEU A 217 -27.67 58.06 -11.31
N GLU A 218 -28.62 57.16 -11.01
CA GLU A 218 -29.04 56.87 -9.65
C GLU A 218 -27.91 56.30 -8.80
N ILE A 219 -26.95 55.61 -9.42
CA ILE A 219 -25.81 55.06 -8.70
C ILE A 219 -24.89 56.15 -8.17
N GLU A 220 -24.88 57.35 -8.78
CA GLU A 220 -24.10 58.45 -8.22
C GLU A 220 -24.70 58.96 -6.92
N THR A 221 -26.03 58.98 -6.84
CA THR A 221 -26.70 59.34 -5.61
C THR A 221 -26.46 58.28 -4.52
N ILE A 222 -26.48 57.00 -4.92
CA ILE A 222 -26.17 55.92 -3.99
C ILE A 222 -24.71 56.00 -3.53
N ARG A 223 -23.81 56.37 -4.44
CA ARG A 223 -22.40 56.50 -4.09
C ARG A 223 -22.15 57.67 -3.16
N GLN A 224 -22.99 58.71 -3.23
CA GLN A 224 -22.88 59.75 -2.21
C GLN A 224 -23.41 59.26 -0.88
N LEU A 225 -24.47 58.43 -0.91
CA LEU A 225 -25.02 57.88 0.33
C LEU A 225 -24.05 56.95 1.03
N ALA A 226 -23.54 55.95 0.31
CA ALA A 226 -22.70 54.91 0.88
C ALA A 226 -21.39 55.47 1.42
N SER A 227 -20.56 56.01 0.52
CA SER A 227 -19.23 56.61 0.67
C SER A 227 -18.12 55.60 0.92
N ASP A 228 -18.42 54.30 1.07
CA ASP A 228 -17.40 53.28 0.97
C ASP A 228 -17.54 52.46 -0.28
N GLY A 229 -18.66 52.57 -0.98
CA GLY A 229 -18.76 52.05 -2.32
C GLY A 229 -20.01 51.26 -2.60
N VAL A 230 -20.36 51.20 -3.88
CA VAL A 230 -21.45 50.39 -4.38
C VAL A 230 -20.86 49.32 -5.27
N TYR A 231 -21.30 48.08 -5.09
CA TYR A 231 -20.62 46.96 -5.72
C TYR A 231 -21.62 45.97 -6.27
N GLN A 232 -21.22 45.31 -7.35
CA GLN A 232 -21.82 44.04 -7.75
C GLN A 232 -21.18 42.87 -7.06
N SER A 233 -22.02 41.91 -6.70
CA SER A 233 -21.58 40.54 -6.52
C SER A 233 -22.58 39.68 -7.23
N ASN A 234 -22.10 38.83 -8.14
CA ASN A 234 -22.93 37.82 -8.77
C ASN A 234 -23.18 36.62 -7.87
N ARG A 235 -22.64 36.62 -6.66
CA ARG A 235 -23.04 35.65 -5.64
C ARG A 235 -24.38 36.00 -5.05
N LEU A 236 -24.72 37.28 -5.03
CA LEU A 236 -26.00 37.73 -4.51
C LEU A 236 -27.12 37.25 -5.41
N ARG A 237 -28.05 36.52 -4.82
CA ARG A 237 -29.03 35.76 -5.54
C ARG A 237 -30.29 36.57 -5.78
N GLY A 238 -30.80 36.51 -7.01
CA GLY A 238 -32.02 37.21 -7.37
C GLY A 238 -31.86 38.71 -7.37
N GLU A 239 -32.94 39.41 -7.01
CA GLU A 239 -32.89 40.83 -6.69
C GLU A 239 -32.62 40.98 -5.20
N SER A 240 -31.38 41.24 -4.83
CA SER A 240 -31.03 41.34 -3.42
C SER A 240 -29.81 42.22 -3.25
N GLY A 241 -29.62 42.73 -2.04
CA GLY A 241 -28.48 43.57 -1.76
C GLY A 241 -28.26 43.68 -0.28
N VAL A 242 -27.17 44.32 0.09
CA VAL A 242 -26.78 44.48 1.49
C VAL A 242 -26.11 45.83 1.65
N VAL A 243 -26.43 46.51 2.75
CA VAL A 243 -25.78 47.75 3.17
C VAL A 243 -25.11 47.46 4.50
N VAL A 244 -23.82 47.68 4.56
CA VAL A 244 -23.09 47.39 5.77
C VAL A 244 -22.47 48.68 6.27
N SER A 245 -22.30 48.76 7.58
CA SER A 245 -21.55 49.84 8.21
C SER A 245 -20.16 49.31 8.43
N THR A 246 -19.20 49.85 7.69
CA THR A 246 -17.91 49.21 7.61
C THR A 246 -17.06 49.56 8.81
N GLY A 247 -15.91 48.89 8.90
CA GLY A 247 -15.01 49.11 10.01
C GLY A 247 -14.70 47.81 10.71
N ARG A 248 -13.51 47.75 11.31
CA ARG A 248 -12.98 46.54 11.93
C ARG A 248 -13.82 46.07 13.10
N GLU A 249 -14.43 47.00 13.83
CA GLU A 249 -15.23 46.67 14.98
C GLU A 249 -16.56 46.05 14.62
N ASN A 250 -17.05 46.24 13.40
CA ASN A 250 -18.32 45.65 13.01
C ASN A 250 -18.12 44.28 12.38
N MET A 251 -17.18 44.17 11.46
CA MET A 251 -16.95 42.95 10.73
C MET A 251 -15.55 43.05 10.15
N ASP A 252 -14.89 41.91 10.04
CA ASP A 252 -13.65 41.88 9.29
C ASP A 252 -13.49 40.51 8.65
N LEU A 253 -12.33 40.30 8.06
CA LEU A 253 -11.99 39.07 7.39
C LEU A 253 -10.71 38.57 8.02
N ALA A 254 -10.79 37.50 8.80
CA ALA A 254 -9.62 36.88 9.41
C ALA A 254 -8.99 35.97 8.38
N VAL A 255 -7.90 36.42 7.79
CA VAL A 255 -7.19 35.72 6.74
C VAL A 255 -5.95 35.09 7.38
N SER A 256 -5.98 33.79 7.63
CA SER A 256 -4.76 33.14 8.09
C SER A 256 -3.79 32.87 6.96
N MET A 257 -4.30 32.59 5.77
CA MET A 257 -3.44 32.39 4.61
C MET A 257 -4.12 33.02 3.42
N ASP A 258 -3.42 33.96 2.80
CA ASP A 258 -3.90 34.55 1.57
C ASP A 258 -3.74 33.55 0.43
N MET A 259 -4.32 33.92 -0.72
CA MET A 259 -4.48 32.99 -1.83
C MET A 259 -3.15 32.65 -2.49
N VAL A 260 -2.92 31.36 -2.70
CA VAL A 260 -1.62 30.83 -3.11
C VAL A 260 -1.87 29.55 -3.88
N ALA A 261 -0.92 29.20 -4.75
CA ALA A 261 -0.95 27.96 -5.48
C ALA A 261 0.00 26.97 -4.82
N ALA A 262 -0.45 25.75 -4.65
CA ALA A 262 0.35 24.68 -4.07
C ALA A 262 0.34 23.47 -5.00
N TYR A 263 1.48 22.84 -5.16
CA TYR A 263 1.58 21.61 -5.93
C TYR A 263 1.08 20.43 -5.11
N LEU A 264 0.37 19.54 -5.77
CA LEU A 264 -0.25 18.39 -5.13
C LEU A 264 0.46 17.08 -5.39
N GLY A 265 1.53 17.08 -6.18
CA GLY A 265 2.13 15.85 -6.62
C GLY A 265 1.42 15.23 -7.79
N ALA A 266 2.18 14.59 -8.68
CA ALA A 266 1.65 14.08 -9.93
C ALA A 266 0.64 12.97 -9.73
N SER A 267 -0.46 13.01 -10.47
CA SER A 267 -1.51 12.02 -10.30
C SER A 267 -1.47 10.93 -11.37
N ARG A 268 -1.53 11.30 -12.64
CA ARG A 268 -1.53 10.34 -13.74
C ARG A 268 -0.55 10.79 -14.80
N MET A 269 0.62 11.20 -14.32
CA MET A 269 1.77 11.90 -14.92
C MET A 269 1.46 13.37 -15.15
N ASN A 270 0.24 13.81 -14.89
CA ASN A 270 -0.16 15.20 -15.00
C ASN A 270 0.08 15.88 -13.66
N HIS A 271 0.06 17.20 -13.65
CA HIS A 271 0.44 17.95 -12.47
C HIS A 271 -0.73 18.73 -11.89
N PRO A 272 -1.40 18.24 -10.86
CA PRO A 272 -2.47 19.00 -10.23
C PRO A 272 -1.96 19.96 -9.18
N PHE A 273 -2.66 21.08 -9.07
CA PHE A 273 -2.35 22.12 -8.12
C PHE A 273 -3.63 22.55 -7.44
N ARG A 274 -3.46 23.30 -6.37
CA ARG A 274 -4.58 23.85 -5.61
C ARG A 274 -4.33 25.32 -5.45
N VAL A 275 -5.26 26.13 -5.93
CA VAL A 275 -5.35 27.51 -5.52
C VAL A 275 -6.16 27.52 -4.25
N LEU A 276 -5.55 27.96 -3.16
CA LEU A 276 -6.21 27.93 -1.87
C LEU A 276 -5.92 29.19 -1.07
N GLU A 277 -6.85 29.47 -0.17
CA GLU A 277 -6.68 30.45 0.88
C GLU A 277 -7.40 29.96 2.12
N ALA A 278 -7.08 30.55 3.24
CA ALA A 278 -7.74 30.21 4.49
C ALA A 278 -8.22 31.49 5.14
N LEU A 279 -9.53 31.74 5.09
CA LEU A 279 -10.07 32.96 5.66
C LEU A 279 -11.48 32.72 6.18
N LEU A 280 -11.87 33.55 7.14
CA LEU A 280 -13.17 33.48 7.78
C LEU A 280 -13.73 34.88 7.92
N LEU A 281 -15.02 35.04 7.68
CA LEU A 281 -15.68 36.31 7.93
C LEU A 281 -16.09 36.38 9.40
N ARG A 282 -15.67 37.43 10.09
CA ARG A 282 -16.07 37.63 11.47
C ARG A 282 -17.05 38.80 11.51
N ILE A 283 -18.32 38.47 11.74
CA ILE A 283 -19.36 39.45 11.95
C ILE A 283 -19.41 39.72 13.45
N LYS A 284 -18.82 40.83 13.87
CA LYS A 284 -18.83 41.17 15.29
C LYS A 284 -20.13 41.86 15.67
N HIS A 285 -20.61 42.76 14.83
CA HIS A 285 -21.87 43.45 15.02
C HIS A 285 -22.82 43.02 13.91
N PRO A 286 -23.70 42.05 14.14
CA PRO A 286 -24.69 41.71 13.11
C PRO A 286 -25.71 42.80 12.85
N ASP A 287 -25.89 43.75 13.77
CA ASP A 287 -26.79 44.87 13.53
C ASP A 287 -26.20 45.95 12.63
N ALA A 288 -24.92 45.83 12.25
CA ALA A 288 -24.29 46.70 11.27
C ALA A 288 -24.52 46.24 9.85
N ILE A 289 -25.38 45.26 9.64
CA ILE A 289 -25.71 44.72 8.34
C ILE A 289 -27.19 44.94 8.13
N CYS A 290 -27.58 45.40 6.95
CA CYS A 290 -28.99 45.47 6.57
C CYS A 290 -29.16 44.94 5.16
N THR A 291 -30.04 43.99 4.95
CA THR A 291 -30.17 43.42 3.62
C THR A 291 -31.44 43.88 2.92
N LEU A 292 -31.45 43.61 1.61
CA LEU A 292 -32.30 44.22 0.57
C LEU A 292 -32.22 45.74 0.61
N GLY B 1 3.15 36.66 4.40
CA GLY B 1 2.44 37.92 4.27
C GLY B 1 1.20 37.79 3.42
N LEU B 2 0.48 38.89 3.24
CA LEU B 2 -0.63 38.89 2.31
C LEU B 2 -0.13 38.84 0.89
N THR B 3 -0.90 38.18 0.03
CA THR B 3 -0.54 38.08 -1.37
C THR B 3 -1.53 38.79 -2.27
N VAL B 4 -2.82 38.48 -2.16
CA VAL B 4 -3.86 39.31 -2.78
C VAL B 4 -3.96 40.63 -2.04
N GLY B 5 -3.99 40.57 -0.72
CA GLY B 5 -3.95 41.75 0.09
C GLY B 5 -5.32 42.33 0.31
N SER B 6 -5.33 43.43 1.04
CA SER B 6 -6.56 44.19 1.22
C SER B 6 -6.86 44.97 -0.05
N LEU B 7 -8.10 44.86 -0.51
CA LEU B 7 -8.59 45.64 -1.64
C LEU B 7 -9.53 46.72 -1.16
N ARG B 8 -9.58 46.89 0.16
CA ARG B 8 -10.40 47.89 0.83
C ARG B 8 -10.07 49.29 0.35
N GLY B 9 -8.83 49.71 0.53
CA GLY B 9 -8.35 50.92 -0.12
C GLY B 9 -8.04 50.67 -1.58
N PRO C 16 47.10 -37.90 -3.77
CA PRO C 16 46.08 -37.46 -4.72
C PRO C 16 44.80 -38.27 -4.59
N ASP C 17 44.72 -39.35 -5.36
CA ASP C 17 43.61 -40.30 -5.27
C ASP C 17 43.68 -41.17 -4.02
N PHE C 18 44.80 -41.19 -3.31
CA PHE C 18 44.93 -41.95 -2.08
C PHE C 18 44.52 -41.16 -0.86
N LEU C 19 44.25 -39.88 -1.01
CA LEU C 19 43.86 -39.03 0.09
C LEU C 19 42.36 -39.03 0.32
N GLY C 20 41.64 -39.88 -0.40
CA GLY C 20 40.24 -40.16 -0.13
C GLY C 20 39.34 -38.99 -0.42
N HIS C 21 38.79 -38.39 0.63
CA HIS C 21 37.93 -37.23 0.46
C HIS C 21 38.78 -35.99 0.22
N ALA C 22 39.32 -35.89 -0.99
CA ALA C 22 39.71 -34.59 -1.50
C ALA C 22 38.45 -33.78 -1.80
N GLU C 23 38.54 -32.47 -1.61
CA GLU C 23 37.40 -31.60 -1.86
C GLU C 23 37.11 -31.48 -3.35
N ASN C 24 38.13 -31.56 -4.18
CA ASN C 24 37.97 -31.35 -5.60
C ASN C 24 38.83 -32.32 -6.39
N PRO C 25 38.24 -33.31 -7.07
CA PRO C 25 39.04 -34.30 -7.79
C PRO C 25 39.44 -33.87 -9.18
N LEU C 26 38.89 -32.77 -9.69
CA LEU C 26 39.08 -32.39 -11.07
C LEU C 26 39.86 -31.08 -11.14
N ARG C 27 40.63 -30.94 -12.20
CA ARG C 27 41.21 -29.65 -12.52
C ARG C 27 40.17 -28.77 -13.19
N GLU C 28 40.52 -27.51 -13.40
CA GLU C 28 39.57 -26.55 -13.95
C GLU C 28 39.20 -26.85 -15.39
N GLU C 29 40.14 -27.40 -16.17
CA GLU C 29 39.82 -27.80 -17.53
C GLU C 29 38.91 -29.03 -17.57
N GLU C 30 39.01 -29.92 -16.59
CA GLU C 30 38.13 -31.08 -16.54
C GLU C 30 36.73 -30.69 -16.07
N TRP C 31 36.65 -29.71 -15.17
CA TRP C 31 35.37 -29.12 -14.82
C TRP C 31 34.74 -28.43 -16.02
N ALA C 32 35.56 -27.72 -16.80
CA ALA C 32 35.07 -27.04 -17.99
C ALA C 32 34.55 -28.00 -19.02
N ARG C 33 35.24 -29.13 -19.23
CA ARG C 33 34.77 -30.18 -20.13
C ARG C 33 33.48 -30.82 -19.63
N LEU C 34 33.39 -31.07 -18.32
CA LEU C 34 32.18 -31.64 -17.71
C LEU C 34 30.99 -30.72 -17.86
N ASN C 35 31.19 -29.43 -17.59
CA ASN C 35 30.09 -28.48 -17.67
C ASN C 35 29.70 -28.18 -19.11
N GLU C 36 30.67 -28.17 -20.04
CA GLU C 36 30.36 -28.06 -21.46
C GLU C 36 29.53 -29.22 -21.96
N THR C 37 29.87 -30.43 -21.50
CA THR C 37 29.12 -31.64 -21.85
C THR C 37 27.68 -31.57 -21.35
N VAL C 38 27.52 -31.10 -20.11
CA VAL C 38 26.20 -30.94 -19.51
C VAL C 38 25.36 -29.92 -20.28
N ILE C 39 25.98 -28.78 -20.62
CA ILE C 39 25.30 -27.71 -21.35
C ILE C 39 24.90 -28.15 -22.74
N GLN C 40 25.79 -28.86 -23.45
CA GLN C 40 25.51 -29.29 -24.81
C GLN C 40 24.39 -30.33 -24.87
N VAL C 41 24.44 -31.33 -23.98
CA VAL C 41 23.40 -32.36 -23.96
C VAL C 41 22.06 -31.79 -23.53
N ALA C 42 22.07 -30.89 -22.54
CA ALA C 42 20.83 -30.25 -22.10
C ALA C 42 20.24 -29.34 -23.16
N ARG C 43 21.08 -28.66 -23.94
CA ARG C 43 20.58 -27.82 -25.02
C ARG C 43 19.97 -28.65 -26.13
N ARG C 44 20.54 -29.83 -26.43
CA ARG C 44 19.89 -30.70 -27.39
C ARG C 44 18.63 -31.35 -26.85
N SER C 45 18.52 -31.51 -25.54
CA SER C 45 17.47 -32.35 -24.97
C SER C 45 16.23 -31.60 -24.53
N LEU C 46 16.32 -30.31 -24.25
CA LEU C 46 15.24 -29.61 -23.59
C LEU C 46 14.21 -29.10 -24.59
N VAL C 47 12.94 -29.24 -24.23
CA VAL C 47 11.83 -28.78 -25.05
C VAL C 47 11.15 -27.55 -24.45
N GLY C 48 10.96 -27.56 -23.13
CA GLY C 48 10.26 -26.48 -22.46
C GLY C 48 10.97 -25.15 -22.53
N ARG C 49 12.30 -25.16 -22.54
CA ARG C 49 13.05 -23.93 -22.66
C ARG C 49 12.98 -23.28 -24.04
N ARG C 50 12.46 -23.98 -25.05
CA ARG C 50 12.21 -23.36 -26.34
C ARG C 50 10.90 -22.60 -26.41
N ILE C 51 10.00 -22.79 -25.45
CA ILE C 51 8.72 -22.09 -25.43
C ILE C 51 8.57 -21.18 -24.23
N LEU C 52 9.54 -21.14 -23.33
CA LEU C 52 9.41 -20.43 -22.07
C LEU C 52 10.56 -19.46 -21.92
N ASP C 53 10.24 -18.23 -21.59
CA ASP C 53 11.30 -17.31 -21.23
C ASP C 53 11.80 -17.64 -19.83
N ILE C 54 12.98 -17.14 -19.51
CA ILE C 54 13.63 -17.45 -18.25
C ILE C 54 13.64 -16.20 -17.40
N TYR C 55 12.96 -16.27 -16.27
CA TYR C 55 13.25 -15.33 -15.20
C TYR C 55 14.62 -15.70 -14.69
N GLY C 56 15.56 -14.76 -14.80
CA GLY C 56 16.98 -15.02 -14.89
C GLY C 56 17.58 -15.50 -13.60
N PRO C 57 18.90 -15.67 -13.56
CA PRO C 57 19.50 -16.46 -12.48
C PRO C 57 19.45 -15.73 -11.14
N LEU C 58 18.59 -16.25 -10.29
CA LEU C 58 18.35 -15.65 -8.99
C LEU C 58 19.47 -15.93 -8.01
N GLY C 59 20.26 -16.95 -8.25
CA GLY C 59 21.25 -17.45 -7.32
C GLY C 59 20.73 -18.65 -6.57
N ALA C 60 21.64 -19.56 -6.22
CA ALA C 60 21.28 -20.81 -5.56
C ALA C 60 20.72 -20.60 -4.17
N GLY C 61 21.08 -19.50 -3.51
CA GLY C 61 20.54 -19.20 -2.20
C GLY C 61 19.11 -18.71 -2.20
N VAL C 62 18.55 -18.39 -3.36
CA VAL C 62 17.14 -18.03 -3.46
C VAL C 62 16.36 -19.31 -3.63
N GLN C 63 15.61 -19.69 -2.61
CA GLN C 63 14.87 -20.95 -2.65
C GLN C 63 13.40 -20.76 -2.93
N THR C 64 12.92 -19.53 -3.04
CA THR C 64 11.50 -19.27 -3.16
C THR C 64 11.31 -18.14 -4.15
N VAL C 65 10.30 -18.25 -5.00
CA VAL C 65 10.06 -17.25 -6.03
C VAL C 65 8.62 -16.76 -5.87
N PRO C 66 8.34 -15.48 -6.14
CA PRO C 66 6.94 -15.05 -6.22
C PRO C 66 6.19 -15.76 -7.34
N TYR C 67 4.96 -16.14 -7.04
CA TYR C 67 4.07 -16.83 -7.94
C TYR C 67 2.85 -15.92 -8.06
N ASP C 68 2.90 -15.01 -9.02
CA ASP C 68 1.79 -14.12 -9.27
C ASP C 68 0.85 -14.76 -10.28
N GLU C 69 -0.43 -14.54 -10.08
CA GLU C 69 -1.45 -15.06 -10.97
C GLU C 69 -2.30 -13.89 -11.43
N PHE C 70 -2.52 -13.79 -12.73
CA PHE C 70 -3.31 -12.73 -13.31
C PHE C 70 -4.58 -13.33 -13.89
N GLN C 71 -5.72 -12.81 -13.46
CA GLN C 71 -7.01 -13.29 -13.92
C GLN C 71 -7.56 -12.30 -14.93
N GLY C 72 -7.55 -12.68 -16.20
CA GLY C 72 -8.08 -11.85 -17.26
C GLY C 72 -7.15 -10.69 -17.61
N VAL C 73 -7.49 -10.04 -18.71
CA VAL C 73 -6.79 -8.84 -19.13
C VAL C 73 -7.77 -7.68 -19.16
N SER C 74 -7.33 -6.56 -18.69
CA SER C 74 -8.02 -5.29 -18.75
C SER C 74 -7.36 -4.41 -19.81
N PRO C 75 -8.13 -3.75 -20.64
CA PRO C 75 -7.53 -2.97 -21.74
C PRO C 75 -6.81 -1.73 -21.27
N GLY C 76 -5.88 -1.28 -22.10
CA GLY C 76 -5.24 0.01 -21.91
C GLY C 76 -6.13 1.14 -22.37
N ALA C 77 -5.58 2.34 -22.34
CA ALA C 77 -6.35 3.52 -22.63
C ALA C 77 -5.66 4.35 -23.70
N VAL C 78 -6.47 5.05 -24.49
CA VAL C 78 -5.99 6.03 -25.46
C VAL C 78 -6.59 7.37 -25.05
N ASP C 79 -5.73 8.33 -24.79
CA ASP C 79 -6.18 9.60 -24.25
C ASP C 79 -5.26 10.70 -24.74
N ILE C 80 -5.81 11.91 -24.86
CA ILE C 80 -4.98 13.06 -25.22
C ILE C 80 -4.10 13.46 -24.05
N VAL C 81 -4.63 13.44 -22.83
CA VAL C 81 -3.89 13.89 -21.67
C VAL C 81 -3.56 12.77 -20.70
N GLY C 82 -3.96 11.54 -20.98
CA GLY C 82 -3.68 10.42 -20.11
C GLY C 82 -4.43 10.44 -18.79
N GLU C 83 -5.74 10.67 -18.84
CA GLU C 83 -6.55 10.72 -17.62
C GLU C 83 -7.66 9.67 -17.60
N GLN C 84 -7.67 8.72 -18.53
CA GLN C 84 -8.83 7.86 -18.72
C GLN C 84 -8.94 6.73 -17.67
N GLU C 85 -7.95 6.56 -16.79
CA GLU C 85 -8.01 5.65 -15.62
C GLU C 85 -8.26 4.18 -15.98
N THR C 86 -7.32 3.59 -16.70
CA THR C 86 -7.37 2.14 -16.86
C THR C 86 -6.88 1.44 -15.58
N ALA C 87 -7.24 0.18 -15.44
CA ALA C 87 -6.88 -0.61 -14.25
C ALA C 87 -5.42 -1.01 -14.27
N MET C 88 -4.87 -1.26 -13.09
CA MET C 88 -3.48 -1.65 -12.95
C MET C 88 -3.31 -3.15 -13.05
N VAL C 89 -2.27 -3.58 -13.74
CA VAL C 89 -1.81 -4.96 -13.76
C VAL C 89 -0.94 -5.13 -12.52
N PHE C 90 -1.43 -5.75 -11.45
CA PHE C 90 -0.46 -6.02 -10.39
C PHE C 90 -0.21 -7.49 -10.08
N THR C 91 -1.21 -8.24 -9.64
CA THR C 91 -1.38 -9.68 -9.46
C THR C 91 -2.79 -9.83 -8.90
N ASP C 92 -3.35 -11.02 -9.00
CA ASP C 92 -4.60 -11.25 -8.32
C ASP C 92 -4.43 -12.02 -7.03
N ALA C 93 -3.42 -12.86 -6.94
CA ALA C 93 -3.17 -13.67 -5.75
C ALA C 93 -1.66 -13.87 -5.66
N ARG C 94 -1.01 -13.17 -4.76
CA ARG C 94 0.43 -13.30 -4.57
C ARG C 94 0.69 -14.55 -3.74
N LYS C 95 1.40 -15.51 -4.33
CA LYS C 95 1.86 -16.66 -3.59
C LYS C 95 3.38 -16.68 -3.68
N PHE C 96 3.98 -17.47 -2.83
CA PHE C 96 5.40 -17.76 -2.99
C PHE C 96 5.55 -19.26 -3.09
N LYS C 97 6.36 -19.70 -4.04
CA LYS C 97 6.47 -21.11 -4.31
C LYS C 97 7.94 -21.47 -4.25
N THR C 98 8.25 -22.56 -3.55
CA THR C 98 9.63 -22.97 -3.38
C THR C 98 10.18 -23.61 -4.65
N ILE C 99 11.44 -23.30 -4.95
CA ILE C 99 12.10 -23.75 -6.17
C ILE C 99 12.70 -25.12 -5.91
N PRO C 100 12.26 -26.17 -6.59
CA PRO C 100 12.82 -27.50 -6.35
C PRO C 100 14.18 -27.66 -7.01
N ILE C 101 14.86 -28.73 -6.62
CA ILE C 101 16.12 -29.12 -7.24
C ILE C 101 15.85 -30.33 -8.12
N ILE C 102 16.26 -30.22 -9.37
CA ILE C 102 16.12 -31.26 -10.37
C ILE C 102 17.51 -31.82 -10.63
N TYR C 103 17.69 -33.11 -10.46
CA TYR C 103 19.05 -33.62 -10.42
C TYR C 103 19.11 -35.05 -10.90
N LYS C 104 20.31 -35.43 -11.31
CA LYS C 104 20.64 -36.82 -11.64
C LYS C 104 22.11 -37.03 -11.31
N ASP C 105 22.41 -38.16 -10.70
CA ASP C 105 23.77 -38.47 -10.29
C ASP C 105 24.48 -39.32 -11.34
N PHE C 106 25.78 -39.15 -11.43
CA PHE C 106 26.62 -40.01 -12.26
C PHE C 106 27.94 -40.26 -11.53
N LEU C 107 28.65 -41.27 -11.99
CA LEU C 107 29.88 -41.71 -11.35
C LEU C 107 31.03 -41.64 -12.34
N LEU C 108 32.16 -41.10 -11.88
CA LEU C 108 33.41 -41.15 -12.64
C LEU C 108 34.37 -42.08 -11.93
N HIS C 109 34.88 -43.07 -12.65
CA HIS C 109 35.92 -43.93 -12.12
C HIS C 109 37.22 -43.16 -12.01
N TRP C 110 37.94 -43.32 -10.89
CA TRP C 110 39.09 -42.47 -10.57
C TRP C 110 40.27 -42.71 -11.49
N ARG C 111 40.45 -43.95 -11.95
CA ARG C 111 41.51 -44.22 -12.92
C ARG C 111 41.22 -43.61 -14.27
N ASP C 112 39.96 -43.31 -14.58
CA ASP C 112 39.65 -42.55 -15.80
C ASP C 112 40.15 -41.12 -15.71
N ILE C 113 40.04 -40.48 -14.53
CA ILE C 113 40.64 -39.17 -14.30
C ILE C 113 42.17 -39.24 -14.40
N GLU C 114 42.77 -40.28 -13.80
CA GLU C 114 44.22 -40.44 -13.90
C GLU C 114 44.68 -40.72 -15.33
N ALA C 115 43.92 -41.52 -16.07
CA ALA C 115 44.24 -41.81 -17.47
C ALA C 115 44.05 -40.59 -18.35
N ALA C 116 43.06 -39.75 -18.04
CA ALA C 116 42.92 -38.48 -18.74
C ALA C 116 44.09 -37.57 -18.45
N ARG C 117 44.64 -37.63 -17.26
CA ARG C 117 45.86 -36.88 -17.03
C ARG C 117 47.09 -37.50 -17.66
N THR C 118 47.10 -38.81 -17.97
CA THR C 118 48.26 -39.35 -18.66
C THR C 118 47.99 -39.78 -20.11
N HIS C 119 47.04 -40.69 -20.38
CA HIS C 119 46.90 -41.14 -21.76
C HIS C 119 45.84 -40.38 -22.54
N ASN C 120 44.59 -40.45 -22.09
CA ASN C 120 43.43 -40.20 -22.93
C ASN C 120 42.92 -38.82 -22.59
N MET C 121 43.54 -37.81 -23.20
CA MET C 121 43.65 -36.50 -22.55
C MET C 121 42.34 -35.74 -22.32
N PRO C 122 41.34 -35.72 -23.21
CA PRO C 122 40.02 -35.28 -22.76
C PRO C 122 39.35 -36.34 -21.89
N LEU C 123 38.77 -35.88 -20.79
CA LEU C 123 38.13 -36.78 -19.84
C LEU C 123 36.87 -37.38 -20.43
N ASP C 124 36.68 -38.68 -20.21
CA ASP C 124 35.50 -39.37 -20.71
C ASP C 124 34.31 -39.04 -19.81
N VAL C 125 33.33 -38.37 -20.39
CA VAL C 125 32.25 -37.74 -19.64
C VAL C 125 30.92 -38.31 -20.10
N SER C 126 30.91 -39.57 -20.53
CA SER C 126 29.71 -40.18 -21.07
C SER C 126 28.63 -40.35 -20.02
N ALA C 127 29.03 -40.67 -18.79
CA ALA C 127 28.07 -40.74 -17.68
C ALA C 127 27.52 -39.37 -17.34
N ALA C 128 28.35 -38.32 -17.46
CA ALA C 128 27.89 -36.94 -17.30
C ALA C 128 26.86 -36.57 -18.35
N ALA C 129 27.08 -36.99 -19.60
CA ALA C 129 26.15 -36.70 -20.68
C ALA C 129 24.83 -37.43 -20.50
N GLY C 130 24.89 -38.70 -20.08
CA GLY C 130 23.67 -39.44 -19.79
C GLY C 130 22.89 -38.87 -18.63
N ALA C 131 23.60 -38.44 -17.58
CA ALA C 131 22.96 -37.80 -16.45
C ALA C 131 22.35 -36.46 -16.82
N ALA C 132 23.02 -35.70 -17.69
CA ALA C 132 22.49 -34.42 -18.13
C ALA C 132 21.25 -34.58 -18.98
N ALA C 133 21.21 -35.62 -19.82
CA ALA C 133 20.00 -35.96 -20.56
C ALA C 133 18.85 -36.34 -19.63
N LEU C 134 19.13 -37.11 -18.59
CA LEU C 134 18.08 -37.49 -17.66
C LEU C 134 17.59 -36.32 -16.81
N CYS C 135 18.49 -35.42 -16.43
CA CYS C 135 18.12 -34.20 -15.73
C CYS C 135 17.29 -33.27 -16.60
N ALA C 136 17.61 -33.19 -17.90
CA ALA C 136 16.79 -32.44 -18.84
C ALA C 136 15.41 -33.07 -19.02
N GLN C 137 15.34 -34.40 -19.03
CA GLN C 137 14.06 -35.08 -19.08
C GLN C 137 13.22 -34.82 -17.85
N GLN C 138 13.86 -34.77 -16.68
CA GLN C 138 13.14 -34.42 -15.46
C GLN C 138 12.68 -32.97 -15.45
N GLU C 139 13.47 -32.07 -16.03
CA GLU C 139 13.05 -30.67 -16.14
C GLU C 139 11.83 -30.52 -17.03
N ASP C 140 11.82 -31.23 -18.16
CA ASP C 140 10.65 -31.20 -19.04
C ASP C 140 9.46 -31.89 -18.41
N GLU C 141 9.69 -32.93 -17.61
CA GLU C 141 8.61 -33.59 -16.88
C GLU C 141 7.98 -32.65 -15.84
N LEU C 142 8.79 -31.85 -15.17
CA LEU C 142 8.27 -30.84 -14.25
C LEU C 142 7.62 -29.66 -14.98
N ILE C 143 8.06 -29.36 -16.20
CA ILE C 143 7.43 -28.28 -16.94
C ILE C 143 6.05 -28.70 -17.44
N PHE C 144 5.92 -29.92 -17.94
CA PHE C 144 4.64 -30.26 -18.56
C PHE C 144 3.63 -30.84 -17.58
N TYR C 145 4.06 -31.72 -16.70
CA TYR C 145 3.22 -32.20 -15.63
C TYR C 145 3.79 -31.62 -14.35
N GLY C 146 3.11 -31.74 -13.25
CA GLY C 146 3.58 -31.06 -12.06
C GLY C 146 4.65 -31.85 -11.34
N ASP C 147 4.72 -31.66 -10.04
CA ASP C 147 5.37 -32.66 -9.22
C ASP C 147 4.39 -33.50 -8.44
N ALA C 148 3.19 -32.94 -8.15
CA ALA C 148 2.01 -33.57 -7.56
C ALA C 148 2.21 -34.08 -6.14
N ARG C 149 3.37 -33.82 -5.54
CA ARG C 149 3.70 -34.13 -4.18
C ARG C 149 4.16 -32.82 -3.56
N LEU C 150 4.82 -32.01 -4.38
CA LEU C 150 5.33 -30.72 -3.96
C LEU C 150 4.42 -29.57 -4.37
N GLY C 151 3.24 -29.87 -4.91
CA GLY C 151 2.26 -28.86 -5.25
C GLY C 151 2.64 -27.96 -6.41
N TYR C 152 3.26 -28.51 -7.44
CA TYR C 152 3.59 -27.76 -8.63
C TYR C 152 2.61 -28.09 -9.73
N GLU C 153 2.31 -27.11 -10.56
CA GLU C 153 1.44 -27.27 -11.70
C GLU C 153 2.30 -27.25 -12.96
N GLY C 154 2.09 -28.22 -13.82
CA GLY C 154 2.69 -28.20 -15.13
C GLY C 154 1.80 -27.49 -16.12
N LEU C 155 2.25 -27.47 -17.37
CA LEU C 155 1.41 -26.92 -18.43
C LEU C 155 0.20 -27.79 -18.69
N MET C 156 0.35 -29.10 -18.60
CA MET C 156 -0.76 -30.00 -18.83
C MET C 156 -1.67 -30.13 -17.61
N THR C 157 -1.21 -29.72 -16.43
CA THR C 157 -1.95 -29.93 -15.20
C THR C 157 -2.33 -28.63 -14.51
N ALA C 158 -2.20 -27.49 -15.18
CA ALA C 158 -2.51 -26.21 -14.54
C ALA C 158 -4.01 -26.07 -14.38
N ASN C 159 -4.45 -25.92 -13.15
CA ASN C 159 -5.86 -25.62 -12.91
C ASN C 159 -6.14 -24.20 -13.36
N GLY C 160 -7.19 -24.04 -14.14
CA GLY C 160 -7.45 -22.77 -14.78
C GLY C 160 -7.05 -22.71 -16.24
N ARG C 161 -6.48 -23.77 -16.78
CA ARG C 161 -6.18 -23.83 -18.19
C ARG C 161 -7.44 -24.11 -18.99
N LEU C 162 -7.37 -23.83 -20.28
CA LEU C 162 -8.42 -24.14 -21.23
C LEU C 162 -8.20 -25.52 -21.83
N THR C 163 -9.21 -26.00 -22.52
CA THR C 163 -9.20 -27.38 -23.00
C THR C 163 -10.05 -27.45 -24.24
N VAL C 164 -9.51 -27.99 -25.33
CA VAL C 164 -10.35 -28.31 -26.47
C VAL C 164 -10.34 -29.83 -26.62
N PRO C 165 -11.43 -30.43 -27.09
CA PRO C 165 -11.40 -31.88 -27.35
C PRO C 165 -10.43 -32.24 -28.45
N LEU C 166 -9.69 -33.31 -28.21
CA LEU C 166 -8.83 -33.90 -29.21
C LEU C 166 -9.71 -34.73 -30.12
N GLY C 167 -9.97 -34.25 -31.33
CA GLY C 167 -10.84 -34.95 -32.24
C GLY C 167 -10.18 -36.13 -32.90
N ASP C 168 -10.63 -36.44 -34.11
CA ASP C 168 -10.02 -37.54 -34.86
C ASP C 168 -8.80 -37.00 -35.57
N TRP C 169 -7.62 -37.33 -35.05
CA TRP C 169 -6.39 -36.90 -35.70
C TRP C 169 -5.93 -37.85 -36.79
N THR C 170 -6.49 -39.05 -36.85
CA THR C 170 -6.20 -39.95 -37.98
C THR C 170 -6.80 -39.43 -39.27
N SER C 171 -7.89 -38.66 -39.19
CA SER C 171 -8.43 -38.03 -40.37
C SER C 171 -7.56 -36.85 -40.80
N PRO C 172 -7.48 -36.58 -42.11
CA PRO C 172 -6.65 -35.48 -42.64
C PRO C 172 -7.24 -34.08 -42.46
N GLY C 173 -7.01 -33.51 -41.27
CA GLY C 173 -7.59 -32.23 -40.95
C GLY C 173 -8.02 -32.08 -39.50
N GLY C 174 -8.00 -33.18 -38.74
CA GLY C 174 -8.39 -33.12 -37.34
C GLY C 174 -7.43 -32.35 -36.46
N GLY C 175 -6.13 -32.49 -36.73
CA GLY C 175 -5.13 -31.72 -35.99
C GLY C 175 -5.24 -30.24 -36.22
N PHE C 176 -5.53 -29.83 -37.46
CA PHE C 176 -5.76 -28.43 -37.78
C PHE C 176 -6.98 -27.88 -37.06
N GLN C 177 -8.06 -28.66 -37.02
CA GLN C 177 -9.29 -28.23 -36.35
C GLN C 177 -9.08 -28.07 -34.86
N ALA C 178 -8.34 -29.00 -34.24
CA ALA C 178 -8.04 -28.92 -32.82
C ALA C 178 -7.15 -27.72 -32.49
N ILE C 179 -6.12 -27.46 -33.32
CA ILE C 179 -5.22 -26.34 -33.03
C ILE C 179 -5.91 -25.00 -33.28
N VAL C 180 -6.74 -24.91 -34.33
CA VAL C 180 -7.50 -23.69 -34.63
C VAL C 180 -8.51 -23.39 -33.54
N GLU C 181 -9.20 -24.42 -33.04
CA GLU C 181 -10.13 -24.22 -31.94
C GLU C 181 -9.41 -23.85 -30.64
N ALA C 182 -8.22 -24.41 -30.42
CA ALA C 182 -7.42 -24.05 -29.26
C ALA C 182 -6.97 -22.60 -29.31
N THR C 183 -6.47 -22.14 -30.47
CA THR C 183 -6.07 -20.75 -30.58
C THR C 183 -7.27 -19.80 -30.59
N ARG C 184 -8.44 -20.28 -31.00
CA ARG C 184 -9.64 -19.46 -30.90
C ARG C 184 -10.06 -19.28 -29.45
N LYS C 185 -9.99 -20.34 -28.64
CA LYS C 185 -10.30 -20.23 -27.23
C LYS C 185 -9.25 -19.42 -26.49
N LEU C 186 -7.99 -19.50 -26.91
CA LEU C 186 -6.96 -18.66 -26.32
C LEU C 186 -7.16 -17.19 -26.71
N ASN C 187 -7.59 -16.96 -27.95
CA ASN C 187 -7.84 -15.62 -28.46
C ASN C 187 -8.99 -14.95 -27.72
N GLU C 188 -10.05 -15.69 -27.42
CA GLU C 188 -11.17 -15.07 -26.72
C GLU C 188 -10.89 -14.82 -25.24
N GLN C 189 -9.82 -15.37 -24.69
CA GLN C 189 -9.39 -15.03 -23.35
C GLN C 189 -8.38 -13.89 -23.34
N GLY C 190 -8.19 -13.22 -24.47
CA GLY C 190 -7.24 -12.15 -24.55
C GLY C 190 -5.82 -12.59 -24.75
N HIS C 191 -5.58 -13.84 -25.10
CA HIS C 191 -4.25 -14.32 -25.39
C HIS C 191 -4.20 -14.64 -26.87
N PHE C 192 -3.89 -13.64 -27.67
CA PHE C 192 -3.69 -13.87 -29.09
C PHE C 192 -2.31 -13.35 -29.39
N GLY C 193 -1.35 -14.25 -29.23
CA GLY C 193 0.05 -13.95 -29.41
C GLY C 193 0.64 -15.04 -30.24
N PRO C 194 1.98 -15.12 -30.27
CA PRO C 194 2.62 -16.26 -30.95
C PRO C 194 2.36 -17.52 -30.15
N TYR C 195 1.77 -18.50 -30.80
CA TYR C 195 1.45 -19.74 -30.16
C TYR C 195 2.57 -20.73 -30.35
N ALA C 196 2.75 -21.59 -29.37
CA ALA C 196 3.55 -22.78 -29.54
C ALA C 196 2.71 -23.99 -29.23
N VAL C 197 2.96 -25.06 -29.95
CA VAL C 197 2.26 -26.33 -29.77
C VAL C 197 3.29 -27.35 -29.36
N VAL C 198 3.02 -28.04 -28.26
CA VAL C 198 3.84 -29.18 -27.86
C VAL C 198 2.94 -30.40 -27.92
N LEU C 199 3.35 -31.37 -28.71
CA LEU C 199 2.57 -32.58 -28.89
C LEU C 199 3.34 -33.78 -28.38
N SER C 200 2.61 -34.81 -28.02
CA SER C 200 3.21 -36.09 -27.76
C SER C 200 3.69 -36.69 -29.07
N PRO C 201 4.68 -37.60 -29.03
CA PRO C 201 5.23 -38.16 -30.28
C PRO C 201 4.25 -38.89 -31.18
N ARG C 202 3.17 -39.44 -30.62
CA ARG C 202 2.12 -40.05 -31.43
C ARG C 202 1.39 -39.01 -32.29
N LEU C 203 0.94 -37.92 -31.68
CA LEU C 203 0.22 -36.88 -32.41
C LEU C 203 1.12 -36.12 -33.35
N TYR C 204 2.37 -35.89 -32.93
CA TYR C 204 3.37 -35.25 -33.75
C TYR C 204 3.69 -36.05 -34.99
N SER C 205 3.83 -37.38 -34.85
CA SER C 205 4.08 -38.20 -36.02
C SER C 205 2.84 -38.34 -36.88
N GLN C 206 1.65 -38.27 -36.27
CA GLN C 206 0.40 -38.28 -37.01
C GLN C 206 0.25 -37.05 -37.89
N LEU C 207 0.79 -35.91 -37.46
CA LEU C 207 0.74 -34.70 -38.28
C LEU C 207 1.68 -34.74 -39.48
N HIS C 208 2.61 -35.69 -39.53
CA HIS C 208 3.58 -35.81 -40.60
C HIS C 208 3.17 -36.84 -41.63
N ARG C 209 1.97 -37.38 -41.55
CA ARG C 209 1.58 -38.48 -42.40
C ARG C 209 1.21 -38.00 -43.79
N ILE C 210 1.42 -38.88 -44.76
CA ILE C 210 1.06 -38.68 -46.15
C ILE C 210 -0.06 -39.65 -46.46
N TYR C 211 -1.27 -39.13 -46.64
CA TYR C 211 -2.41 -39.94 -47.00
C TYR C 211 -2.51 -40.04 -48.52
N GLU C 212 -3.54 -40.71 -49.01
CA GLU C 212 -3.80 -40.77 -50.44
C GLU C 212 -4.21 -39.40 -50.96
N LYS C 213 -3.41 -38.84 -51.88
CA LYS C 213 -3.53 -37.49 -52.43
C LYS C 213 -3.57 -36.44 -51.32
N THR C 214 -2.47 -36.39 -50.57
CA THR C 214 -2.34 -35.47 -49.43
C THR C 214 -2.27 -34.03 -49.89
N GLY C 215 -1.29 -33.70 -50.71
CA GLY C 215 -1.09 -32.31 -51.11
C GLY C 215 -0.14 -31.56 -50.21
N VAL C 216 -0.47 -31.48 -48.92
CA VAL C 216 0.33 -30.73 -47.97
C VAL C 216 0.22 -31.42 -46.61
N LEU C 217 1.34 -31.49 -45.91
CA LEU C 217 1.36 -32.06 -44.56
C LEU C 217 0.67 -31.13 -43.58
N GLU C 218 -0.04 -31.75 -42.63
CA GLU C 218 -0.78 -31.00 -41.62
C GLU C 218 0.15 -30.24 -40.68
N ILE C 219 1.35 -30.77 -40.47
CA ILE C 219 2.35 -30.13 -39.64
C ILE C 219 2.79 -28.79 -40.24
N GLU C 220 2.74 -28.64 -41.57
CA GLU C 220 3.09 -27.37 -42.21
C GLU C 220 2.07 -26.29 -41.88
N THR C 221 0.79 -26.61 -41.91
CA THR C 221 -0.25 -25.66 -41.51
C THR C 221 -0.16 -25.31 -40.04
N ILE C 222 0.14 -26.29 -39.19
CA ILE C 222 0.26 -26.03 -37.75
C ILE C 222 1.49 -25.17 -37.46
N ARG C 223 2.60 -25.43 -38.17
CA ARG C 223 3.80 -24.62 -38.03
C ARG C 223 3.60 -23.19 -38.51
N GLN C 224 2.79 -23.00 -39.55
CA GLN C 224 2.46 -21.64 -39.95
C GLN C 224 1.52 -20.96 -38.96
N LEU C 225 0.62 -21.72 -38.33
CA LEU C 225 -0.26 -21.11 -37.34
C LEU C 225 0.43 -20.88 -35.99
N ALA C 226 1.26 -21.82 -35.56
CA ALA C 226 2.01 -21.65 -34.32
C ALA C 226 3.35 -21.05 -34.68
N SER C 227 3.44 -19.73 -34.59
CA SER C 227 4.62 -19.00 -35.00
C SER C 227 5.83 -19.27 -34.11
N ASP C 228 5.60 -19.57 -32.84
CA ASP C 228 6.68 -19.87 -31.91
C ASP C 228 7.08 -21.33 -31.90
N GLY C 229 6.53 -22.12 -32.80
CA GLY C 229 7.07 -23.44 -33.07
C GLY C 229 6.14 -24.55 -32.66
N VAL C 230 6.23 -25.67 -33.37
CA VAL C 230 5.53 -26.89 -33.01
C VAL C 230 6.54 -27.89 -32.55
N TYR C 231 6.31 -28.49 -31.40
CA TYR C 231 7.33 -29.30 -30.77
C TYR C 231 6.79 -30.66 -30.42
N GLN C 232 7.72 -31.59 -30.31
CA GLN C 232 7.47 -32.94 -29.86
C GLN C 232 8.16 -33.08 -28.52
N SER C 233 7.43 -33.51 -27.51
CA SER C 233 8.04 -33.86 -26.23
C SER C 233 7.58 -35.24 -25.86
N ASN C 234 8.54 -36.11 -25.56
CA ASN C 234 8.21 -37.46 -25.13
C ASN C 234 7.70 -37.51 -23.70
N ARG C 235 7.81 -36.42 -22.94
CA ARG C 235 7.23 -36.38 -21.62
C ARG C 235 5.70 -36.31 -21.65
N LEU C 236 5.14 -35.80 -22.75
CA LEU C 236 3.68 -35.80 -22.89
C LEU C 236 3.19 -37.19 -23.22
N ARG C 237 2.19 -37.62 -22.47
CA ARG C 237 1.77 -39.00 -22.39
C ARG C 237 0.59 -39.23 -23.33
N GLY C 238 0.55 -40.44 -23.91
CA GLY C 238 -0.56 -40.84 -24.77
C GLY C 238 -0.69 -39.99 -26.02
N GLU C 239 -1.92 -39.77 -26.43
CA GLU C 239 -2.26 -38.72 -27.38
C GLU C 239 -2.64 -37.47 -26.61
N SER C 240 -1.70 -36.54 -26.49
CA SER C 240 -1.98 -35.31 -25.75
C SER C 240 -1.15 -34.18 -26.32
N GLY C 241 -1.54 -32.96 -26.00
CA GLY C 241 -0.81 -31.82 -26.50
C GLY C 241 -1.25 -30.57 -25.80
N VAL C 242 -0.60 -29.48 -26.15
CA VAL C 242 -0.85 -28.21 -25.49
C VAL C 242 -0.51 -27.10 -26.48
N VAL C 243 -1.35 -26.07 -26.48
CA VAL C 243 -1.10 -24.83 -27.20
C VAL C 243 -0.95 -23.75 -26.14
N VAL C 244 0.09 -22.94 -26.26
CA VAL C 244 0.38 -21.91 -25.28
C VAL C 244 0.65 -20.60 -26.00
N SER C 245 0.01 -19.54 -25.53
CA SER C 245 0.42 -18.18 -25.87
C SER C 245 1.74 -17.90 -25.19
N THR C 246 2.82 -17.86 -25.96
CA THR C 246 4.18 -17.89 -25.43
C THR C 246 4.73 -16.49 -25.31
N GLY C 247 4.66 -15.94 -24.11
CA GLY C 247 5.53 -14.83 -23.81
C GLY C 247 5.78 -14.76 -22.32
N ARG C 248 6.62 -13.81 -21.95
CA ARG C 248 6.55 -13.23 -20.62
C ARG C 248 5.19 -12.57 -20.43
N GLU C 249 4.80 -12.46 -19.17
CA GLU C 249 3.49 -12.11 -18.59
C GLU C 249 2.43 -13.18 -18.81
N ASN C 250 2.77 -14.29 -19.44
CA ASN C 250 1.89 -15.46 -19.48
C ASN C 250 2.46 -16.60 -18.67
N MET C 251 3.70 -16.96 -18.95
CA MET C 251 4.37 -18.03 -18.23
C MET C 251 5.86 -17.75 -18.29
N ASP C 252 6.60 -18.46 -17.47
CA ASP C 252 7.96 -18.06 -17.20
C ASP C 252 8.66 -19.25 -16.60
N LEU C 253 9.97 -19.28 -16.73
CA LEU C 253 10.78 -20.30 -16.08
C LEU C 253 11.69 -19.59 -15.10
N ALA C 254 11.35 -19.61 -13.82
CA ALA C 254 12.20 -19.01 -12.80
C ALA C 254 13.36 -19.95 -12.52
N VAL C 255 14.53 -19.59 -12.98
CA VAL C 255 15.74 -20.37 -12.79
C VAL C 255 16.56 -19.70 -11.70
N SER C 256 16.77 -20.38 -10.58
CA SER C 256 17.68 -19.84 -9.60
C SER C 256 19.08 -20.39 -9.78
N MET C 257 19.20 -21.59 -10.32
CA MET C 257 20.50 -22.11 -10.69
C MET C 257 20.32 -22.96 -11.93
N ASP C 258 21.07 -22.64 -12.98
CA ASP C 258 20.98 -23.43 -14.20
C ASP C 258 21.79 -24.72 -14.03
N MET C 259 21.76 -25.56 -15.07
CA MET C 259 22.33 -26.90 -14.99
C MET C 259 23.84 -26.87 -14.84
N VAL C 260 24.33 -27.59 -13.85
CA VAL C 260 25.73 -27.54 -13.47
C VAL C 260 26.04 -28.88 -12.83
N ALA C 261 27.32 -29.25 -12.85
CA ALA C 261 27.78 -30.44 -12.16
C ALA C 261 28.35 -30.07 -10.82
N ALA C 262 28.02 -30.85 -9.79
CA ALA C 262 28.48 -30.65 -8.44
C ALA C 262 29.11 -31.94 -7.93
N TYR C 263 30.23 -31.80 -7.25
CA TYR C 263 30.92 -32.96 -6.72
C TYR C 263 30.32 -33.38 -5.39
N LEU C 264 30.06 -34.67 -5.25
CA LEU C 264 29.39 -35.24 -4.08
C LEU C 264 30.33 -35.87 -3.07
N GLY C 265 31.63 -35.84 -3.29
CA GLY C 265 32.52 -36.48 -2.35
C GLY C 265 32.68 -37.96 -2.66
N ALA C 266 33.91 -38.44 -2.58
CA ALA C 266 34.25 -39.76 -3.11
C ALA C 266 33.64 -40.89 -2.31
N SER C 267 33.30 -41.96 -3.00
CA SER C 267 32.75 -43.16 -2.38
C SER C 267 33.38 -44.36 -3.07
N ARG C 268 34.07 -45.19 -2.28
CA ARG C 268 34.85 -46.35 -2.72
C ARG C 268 35.85 -45.97 -3.80
N MET C 269 36.47 -44.80 -3.61
CA MET C 269 37.50 -44.11 -4.39
C MET C 269 37.00 -43.58 -5.72
N ASN C 270 35.76 -43.83 -6.10
CA ASN C 270 35.17 -43.28 -7.31
C ASN C 270 34.56 -41.93 -6.98
N HIS C 271 34.21 -41.18 -8.01
CA HIS C 271 33.79 -39.79 -7.82
C HIS C 271 32.34 -39.59 -8.24
N PRO C 272 31.41 -39.52 -7.29
CA PRO C 272 30.03 -39.20 -7.64
C PRO C 272 29.87 -37.72 -7.89
N PHE C 273 29.12 -37.40 -8.93
CA PHE C 273 28.74 -36.04 -9.21
C PHE C 273 27.24 -36.01 -9.44
N ARG C 274 26.71 -34.82 -9.42
CA ARG C 274 25.30 -34.58 -9.64
C ARG C 274 25.16 -33.47 -10.65
N VAL C 275 24.43 -33.73 -11.70
CA VAL C 275 23.98 -32.63 -12.54
C VAL C 275 22.66 -32.13 -11.96
N LEU C 276 22.60 -30.84 -11.73
CA LEU C 276 21.46 -30.31 -11.04
C LEU C 276 21.16 -28.93 -11.56
N GLU C 277 19.89 -28.58 -11.44
CA GLU C 277 19.41 -27.25 -11.66
C GLU C 277 18.33 -26.98 -10.65
N ALA C 278 18.06 -25.71 -10.43
CA ALA C 278 16.96 -25.31 -9.58
C ALA C 278 16.07 -24.37 -10.36
N LEU C 279 14.90 -24.85 -10.76
CA LEU C 279 13.99 -24.03 -11.55
C LEU C 279 12.55 -24.37 -11.23
N LEU C 280 11.68 -23.44 -11.53
CA LEU C 280 10.25 -23.57 -11.33
C LEU C 280 9.52 -23.00 -12.53
N LEU C 281 8.47 -23.66 -12.96
CA LEU C 281 7.60 -23.09 -13.98
C LEU C 281 6.58 -22.20 -13.31
N ARG C 282 6.58 -20.92 -13.66
CA ARG C 282 5.60 -19.96 -13.18
C ARG C 282 4.56 -19.75 -14.27
N ILE C 283 3.32 -20.11 -13.97
CA ILE C 283 2.22 -19.89 -14.90
C ILE C 283 1.44 -18.69 -14.38
N LYS C 284 1.74 -17.52 -14.94
CA LYS C 284 1.07 -16.30 -14.53
C LYS C 284 -0.35 -16.23 -15.05
N HIS C 285 -0.56 -16.59 -16.30
CA HIS C 285 -1.88 -16.67 -16.91
C HIS C 285 -2.17 -18.12 -17.20
N PRO C 286 -2.96 -18.81 -16.38
CA PRO C 286 -3.32 -20.19 -16.71
C PRO C 286 -4.20 -20.32 -17.93
N ASP C 287 -5.04 -19.34 -18.21
CA ASP C 287 -5.88 -19.38 -19.41
C ASP C 287 -5.12 -19.04 -20.69
N ALA C 288 -3.81 -18.83 -20.63
CA ALA C 288 -2.93 -18.80 -21.79
C ALA C 288 -2.45 -20.19 -22.18
N ILE C 289 -3.08 -21.24 -21.66
CA ILE C 289 -2.75 -22.63 -21.92
C ILE C 289 -4.02 -23.32 -22.38
N CYS C 290 -3.98 -24.02 -23.49
CA CYS C 290 -5.10 -24.83 -23.95
C CYS C 290 -4.60 -26.24 -24.22
N THR C 291 -5.00 -27.19 -23.38
CA THR C 291 -4.61 -28.57 -23.59
C THR C 291 -5.57 -29.28 -24.52
N LEU C 292 -5.01 -30.14 -25.35
CA LEU C 292 -5.74 -30.97 -26.31
C LEU C 292 -6.15 -32.23 -25.58
N GLU C 293 -7.42 -32.33 -25.21
CA GLU C 293 -7.88 -33.43 -24.38
C GLU C 293 -9.09 -34.13 -24.96
N GLY D 1 25.02 -17.58 -13.49
CA GLY D 1 24.07 -18.58 -13.93
C GLY D 1 23.81 -18.48 -15.42
N LEU D 2 22.76 -19.15 -15.89
CA LEU D 2 22.47 -19.30 -17.32
C LEU D 2 23.64 -19.96 -18.06
N THR D 3 23.83 -21.21 -17.67
CA THR D 3 24.81 -22.08 -18.28
C THR D 3 24.21 -22.73 -19.52
N VAL D 4 23.10 -23.45 -19.37
CA VAL D 4 22.29 -23.85 -20.51
C VAL D 4 21.72 -22.63 -21.21
N GLY D 5 21.12 -21.75 -20.43
CA GLY D 5 20.59 -20.53 -20.96
C GLY D 5 19.19 -20.69 -21.53
N SER D 6 18.79 -19.69 -22.29
CA SER D 6 17.51 -19.69 -22.97
C SER D 6 17.64 -20.34 -24.34
N LEU D 7 16.68 -21.19 -24.68
CA LEU D 7 16.64 -21.84 -25.98
C LEU D 7 15.57 -21.25 -26.86
N ARG D 8 15.07 -20.09 -26.49
CA ARG D 8 14.01 -19.44 -27.23
C ARG D 8 14.57 -18.46 -28.26
N GLY D 9 15.36 -17.51 -27.81
CA GLY D 9 16.10 -16.65 -28.71
C GLY D 9 15.66 -15.19 -28.69
N HIS E 21 5.19 19.19 -2.37
CA HIS E 21 5.03 17.75 -2.35
C HIS E 21 6.36 17.04 -2.08
N ALA E 22 6.81 17.09 -0.83
CA ALA E 22 8.14 16.58 -0.50
C ALA E 22 8.13 15.07 -0.35
N GLU E 23 9.34 14.51 -0.23
CA GLU E 23 9.49 13.14 0.23
C GLU E 23 9.51 13.03 1.74
N ASN E 24 9.53 14.16 2.45
CA ASN E 24 9.64 14.17 3.91
C ASN E 24 8.94 15.41 4.43
N PRO E 25 7.73 15.26 5.00
CA PRO E 25 7.03 16.41 5.56
C PRO E 25 7.40 16.75 6.99
N LEU E 26 8.18 15.90 7.65
CA LEU E 26 8.46 16.04 9.06
C LEU E 26 9.94 16.32 9.25
N ARG E 27 10.25 17.16 10.23
CA ARG E 27 11.63 17.30 10.62
C ARG E 27 12.04 16.11 11.48
N GLU E 28 13.36 16.01 11.71
CA GLU E 28 13.93 14.85 12.38
C GLU E 28 13.50 14.74 13.83
N GLU E 29 13.28 15.88 14.49
CA GLU E 29 12.69 15.87 15.81
C GLU E 29 11.27 15.35 15.79
N GLU E 30 10.50 15.73 14.77
CA GLU E 30 9.13 15.25 14.64
C GLU E 30 9.08 13.77 14.26
N TRP E 31 10.01 13.34 13.41
CA TRP E 31 10.14 11.93 13.08
C TRP E 31 10.54 11.11 14.29
N ALA E 32 11.45 11.64 15.10
CA ALA E 32 11.88 10.96 16.32
C ALA E 32 10.75 10.86 17.32
N ARG E 33 9.96 11.92 17.47
CA ARG E 33 8.80 11.90 18.36
C ARG E 33 7.74 10.90 17.91
N LEU E 34 7.47 10.87 16.60
CA LEU E 34 6.50 9.94 16.02
C LEU E 34 6.96 8.49 16.22
N ASN E 35 8.24 8.23 15.97
CA ASN E 35 8.77 6.89 16.08
C ASN E 35 8.86 6.42 17.52
N GLU E 36 9.22 7.30 18.46
CA GLU E 36 9.28 6.84 19.85
C GLU E 36 7.88 6.71 20.43
N THR E 37 6.90 7.44 19.91
CA THR E 37 5.50 7.19 20.25
C THR E 37 5.06 5.80 19.80
N VAL E 38 5.39 5.44 18.57
CA VAL E 38 5.03 4.13 18.02
C VAL E 38 5.70 3.00 18.79
N ILE E 39 6.99 3.18 19.10
CA ILE E 39 7.76 2.19 19.83
C ILE E 39 7.26 2.04 21.27
N GLN E 40 6.93 3.17 21.92
CA GLN E 40 6.43 3.15 23.29
C GLN E 40 5.08 2.46 23.39
N VAL E 41 4.16 2.75 22.45
CA VAL E 41 2.85 2.11 22.44
C VAL E 41 2.98 0.61 22.17
N ALA E 42 3.85 0.23 21.24
CA ALA E 42 4.06 -1.19 20.92
C ALA E 42 4.70 -1.94 22.09
N ARG E 43 5.73 -1.37 22.70
CA ARG E 43 6.41 -2.02 23.82
C ARG E 43 5.52 -2.12 25.05
N ARG E 44 4.61 -1.16 25.23
CA ARG E 44 3.63 -1.31 26.30
C ARG E 44 2.55 -2.32 25.94
N SER E 45 2.30 -2.56 24.66
CA SER E 45 1.15 -3.37 24.27
C SER E 45 1.47 -4.82 23.97
N LEU E 46 2.64 -5.13 23.44
CA LEU E 46 2.91 -6.45 22.89
C LEU E 46 3.18 -7.47 23.98
N VAL E 47 2.53 -8.62 23.86
CA VAL E 47 2.66 -9.67 24.87
C VAL E 47 3.25 -10.92 24.23
N GLY E 48 3.05 -11.08 22.92
CA GLY E 48 3.63 -12.20 22.21
C GLY E 48 5.15 -12.10 22.13
N ARG E 49 5.67 -10.90 21.99
CA ARG E 49 7.11 -10.68 22.00
C ARG E 49 7.77 -10.91 23.34
N ARG E 50 7.01 -10.98 24.43
CA ARG E 50 7.59 -11.29 25.72
C ARG E 50 7.88 -12.77 25.90
N ILE E 51 7.26 -13.64 25.11
CA ILE E 51 7.44 -15.08 25.24
C ILE E 51 8.12 -15.70 24.02
N LEU E 52 8.34 -14.95 22.96
CA LEU E 52 8.88 -15.50 21.73
C LEU E 52 10.23 -14.88 21.41
N ASP E 53 11.16 -15.71 21.00
CA ASP E 53 12.42 -15.21 20.50
C ASP E 53 12.25 -14.69 19.07
N ILE E 54 13.19 -13.88 18.65
CA ILE E 54 13.15 -13.22 17.36
C ILE E 54 14.17 -13.89 16.45
N TYR E 55 13.84 -13.97 15.16
CA TYR E 55 14.71 -14.41 14.09
C TYR E 55 15.40 -13.20 13.43
N GLY E 56 15.67 -12.16 14.22
CA GLY E 56 16.49 -11.04 13.82
C GLY E 56 15.69 -10.09 12.98
N PRO E 57 16.25 -8.95 12.65
CA PRO E 57 15.70 -8.19 11.53
C PRO E 57 16.16 -8.84 10.24
N LEU E 58 15.24 -9.48 9.54
CA LEU E 58 15.62 -10.10 8.28
C LEU E 58 15.82 -9.09 7.16
N GLY E 59 15.21 -7.93 7.28
CA GLY E 59 15.17 -6.97 6.20
C GLY E 59 13.85 -7.04 5.47
N ALA E 60 13.45 -5.92 4.87
CA ALA E 60 12.18 -5.86 4.16
C ALA E 60 12.18 -6.69 2.88
N GLY E 61 13.35 -6.92 2.30
CA GLY E 61 13.44 -7.75 1.11
C GLY E 61 13.19 -9.22 1.38
N VAL E 62 13.42 -9.67 2.60
CA VAL E 62 13.10 -11.04 2.97
C VAL E 62 11.61 -11.09 3.27
N GLN E 63 10.85 -11.66 2.35
CA GLN E 63 9.41 -11.76 2.52
C GLN E 63 8.93 -13.19 2.57
N THR E 64 9.85 -14.15 2.65
CA THR E 64 9.48 -15.55 2.78
C THR E 64 10.52 -16.22 3.66
N VAL E 65 10.08 -17.03 4.63
CA VAL E 65 11.01 -17.75 5.51
C VAL E 65 10.71 -19.24 5.47
N PRO E 66 11.69 -20.12 5.73
CA PRO E 66 11.38 -21.54 5.88
C PRO E 66 10.52 -21.79 7.09
N TYR E 67 9.62 -22.75 6.97
CA TYR E 67 8.70 -23.11 8.03
C TYR E 67 8.94 -24.57 8.36
N ASP E 68 9.85 -24.81 9.29
CA ASP E 68 10.19 -26.15 9.71
C ASP E 68 9.18 -26.67 10.72
N GLU E 69 8.85 -27.95 10.65
CA GLU E 69 7.73 -28.47 11.42
C GLU E 69 8.10 -29.48 12.48
N PHE E 70 9.12 -30.32 12.25
CA PHE E 70 9.80 -31.17 13.26
C PHE E 70 8.86 -32.08 14.06
N GLN E 71 7.84 -32.60 13.39
CA GLN E 71 6.85 -33.40 14.07
C GLN E 71 7.32 -34.83 14.29
N GLY E 72 8.31 -35.26 13.52
CA GLY E 72 8.88 -36.61 13.69
C GLY E 72 9.85 -36.66 14.85
N VAL E 73 9.78 -37.70 15.68
CA VAL E 73 10.66 -37.78 16.89
C VAL E 73 11.28 -39.18 16.96
N SER E 74 12.20 -39.50 16.03
CA SER E 74 12.90 -40.82 16.05
C SER E 74 13.80 -40.90 17.28
N PRO E 75 13.90 -42.07 17.96
CA PRO E 75 14.66 -42.16 19.23
C PRO E 75 16.02 -41.49 19.18
N GLY E 76 16.67 -41.51 18.03
CA GLY E 76 17.68 -40.51 17.76
C GLY E 76 19.07 -40.80 18.29
N ALA E 77 19.13 -41.43 19.45
CA ALA E 77 20.41 -41.82 20.01
C ALA E 77 21.00 -42.95 19.17
N VAL E 78 22.21 -42.72 18.66
CA VAL E 78 23.01 -43.80 18.08
C VAL E 78 23.18 -44.90 19.12
N ASP E 79 23.80 -44.54 20.25
CA ASP E 79 24.03 -45.41 21.41
C ASP E 79 24.72 -46.73 21.08
N ILE E 80 25.94 -46.62 20.56
CA ILE E 80 26.74 -47.81 20.26
C ILE E 80 28.20 -47.44 20.46
N VAL E 81 29.05 -48.44 20.53
CA VAL E 81 30.50 -48.26 20.47
C VAL E 81 30.88 -48.17 18.99
N GLY E 82 30.95 -46.95 18.47
CA GLY E 82 31.04 -46.71 17.04
C GLY E 82 29.91 -45.86 16.48
N GLU E 83 29.25 -46.32 15.41
CA GLU E 83 28.19 -45.56 14.77
C GLU E 83 27.23 -46.55 14.12
N GLN E 84 26.05 -46.74 14.72
CA GLN E 84 24.91 -47.35 14.05
C GLN E 84 24.01 -46.23 13.54
N GLU E 85 22.88 -46.60 12.95
CA GLU E 85 22.10 -45.67 12.14
C GLU E 85 20.84 -45.23 12.86
N THR E 86 20.64 -43.92 12.91
CA THR E 86 19.36 -43.32 13.24
C THR E 86 19.01 -42.29 12.18
N ALA E 87 17.73 -41.94 12.11
CA ALA E 87 17.26 -40.95 11.16
C ALA E 87 17.75 -39.56 11.53
N MET E 88 18.17 -38.80 10.53
CA MET E 88 18.66 -37.44 10.77
C MET E 88 17.51 -36.52 11.14
N VAL E 89 17.82 -35.54 11.99
CA VAL E 89 16.85 -34.52 12.36
C VAL E 89 16.77 -33.51 11.23
N PHE E 90 15.60 -33.40 10.62
CA PHE E 90 15.38 -32.47 9.54
C PHE E 90 13.91 -32.10 9.55
N THR E 91 13.58 -31.06 8.81
CA THR E 91 12.20 -30.76 8.47
C THR E 91 11.55 -31.97 7.82
N ASP E 92 10.37 -32.32 8.31
CA ASP E 92 9.64 -33.45 7.76
C ASP E 92 9.12 -33.17 6.37
N ALA E 93 8.84 -31.91 6.06
CA ALA E 93 8.49 -31.49 4.71
C ALA E 93 8.90 -30.02 4.61
N ARG E 94 9.92 -29.73 3.82
CA ARG E 94 10.45 -28.38 3.73
C ARG E 94 9.49 -27.48 2.97
N LYS E 95 8.94 -26.50 3.65
CA LYS E 95 8.01 -25.56 3.06
C LYS E 95 8.40 -24.17 3.51
N PHE E 96 7.85 -23.19 2.83
CA PHE E 96 8.13 -21.80 3.12
C PHE E 96 6.82 -21.09 3.36
N LYS E 97 6.86 -20.03 4.16
CA LYS E 97 5.70 -19.20 4.40
C LYS E 97 6.05 -17.75 4.13
N THR E 98 5.10 -17.03 3.54
CA THR E 98 5.27 -15.61 3.24
C THR E 98 5.02 -14.77 4.49
N ILE E 99 5.86 -13.76 4.68
CA ILE E 99 5.75 -12.86 5.82
C ILE E 99 4.72 -11.80 5.52
N PRO E 100 3.63 -11.70 6.29
CA PRO E 100 2.63 -10.67 6.02
C PRO E 100 3.08 -9.31 6.53
N ILE E 101 2.47 -8.27 5.97
CA ILE E 101 2.62 -6.92 6.48
C ILE E 101 1.42 -6.64 7.38
N ILE E 102 1.70 -6.25 8.61
CA ILE E 102 0.70 -5.81 9.56
C ILE E 102 0.80 -4.29 9.62
N TYR E 103 -0.28 -3.61 9.27
CA TYR E 103 -0.18 -2.18 9.10
C TYR E 103 -1.49 -1.50 9.48
N LYS E 104 -1.35 -0.27 9.92
CA LYS E 104 -2.47 0.63 10.14
C LYS E 104 -2.01 2.01 9.75
N ASP E 105 -2.84 2.73 9.00
CA ASP E 105 -2.46 4.03 8.49
C ASP E 105 -3.22 5.15 9.20
N PHE E 106 -2.56 6.30 9.30
CA PHE E 106 -3.12 7.47 9.97
C PHE E 106 -2.78 8.71 9.16
N LEU E 107 -3.47 9.80 9.46
CA LEU E 107 -3.37 11.03 8.70
C LEU E 107 -3.01 12.19 9.62
N LEU E 108 -2.04 12.99 9.21
CA LEU E 108 -1.75 14.26 9.87
C LEU E 108 -2.14 15.40 8.94
N HIS E 109 -2.89 16.36 9.48
CA HIS E 109 -3.26 17.54 8.71
C HIS E 109 -2.07 18.48 8.59
N TRP E 110 -1.97 19.16 7.44
CA TRP E 110 -0.81 19.99 7.16
C TRP E 110 -0.82 21.29 7.95
N ARG E 111 -1.99 21.85 8.24
CA ARG E 111 -2.04 23.05 9.06
C ARG E 111 -1.70 22.74 10.51
N ASP E 112 -1.94 21.51 10.96
CA ASP E 112 -1.49 21.06 12.27
C ASP E 112 0.03 21.04 12.36
N ILE E 113 0.68 20.57 11.30
CA ILE E 113 2.14 20.56 11.24
C ILE E 113 2.69 21.98 11.18
N GLU E 114 2.06 22.86 10.40
CA GLU E 114 2.49 24.24 10.33
C GLU E 114 2.27 24.99 11.65
N ALA E 115 1.18 24.67 12.35
CA ALA E 115 0.95 25.19 13.68
C ALA E 115 1.99 24.70 14.66
N ALA E 116 2.38 23.43 14.58
CA ALA E 116 3.42 22.91 15.45
C ALA E 116 4.79 23.54 15.16
N ARG E 117 5.01 24.01 13.94
CA ARG E 117 6.28 24.66 13.68
C ARG E 117 6.29 26.15 14.05
N THR E 118 5.16 26.85 14.03
CA THR E 118 5.19 28.29 14.34
C THR E 118 4.44 28.68 15.61
N HIS E 119 3.18 28.28 15.70
CA HIS E 119 2.14 28.49 16.70
C HIS E 119 2.30 27.39 17.74
N ASN E 120 1.25 27.06 18.50
CA ASN E 120 1.23 26.01 19.52
C ASN E 120 1.96 24.73 19.08
N MET E 121 2.99 24.41 19.85
CA MET E 121 4.18 23.66 19.48
C MET E 121 4.24 22.13 19.36
N PRO E 122 3.67 21.31 20.27
CA PRO E 122 4.23 19.96 20.46
C PRO E 122 3.93 18.91 19.38
N LEU E 123 3.12 19.17 18.34
CA LEU E 123 2.86 18.21 17.23
C LEU E 123 2.27 16.89 17.74
N ASP E 124 1.02 16.98 18.18
CA ASP E 124 0.21 15.85 18.61
C ASP E 124 0.32 14.64 17.69
N VAL E 125 0.74 13.53 18.27
CA VAL E 125 1.03 12.27 17.60
C VAL E 125 0.07 11.21 18.10
N SER E 126 -1.12 11.65 18.49
CA SER E 126 -2.14 10.76 19.02
C SER E 126 -2.67 9.80 17.96
N ALA E 127 -2.70 10.24 16.70
CA ALA E 127 -3.09 9.36 15.61
C ALA E 127 -2.06 8.26 15.39
N ALA E 128 -0.78 8.59 15.53
CA ALA E 128 0.28 7.59 15.49
C ALA E 128 0.18 6.59 16.62
N ALA E 129 -0.18 7.06 17.81
CA ALA E 129 -0.38 6.17 18.96
C ALA E 129 -1.56 5.24 18.74
N GLY E 130 -2.66 5.75 18.18
CA GLY E 130 -3.80 4.91 17.89
C GLY E 130 -3.52 3.88 16.80
N ALA E 131 -2.81 4.29 15.76
CA ALA E 131 -2.42 3.37 14.69
C ALA E 131 -1.44 2.31 15.19
N ALA E 132 -0.48 2.71 16.02
CA ALA E 132 0.46 1.76 16.57
C ALA E 132 -0.19 0.79 17.53
N ALA E 133 -1.19 1.26 18.30
CA ALA E 133 -1.96 0.36 19.15
C ALA E 133 -2.75 -0.66 18.34
N LEU E 134 -3.35 -0.21 17.22
CA LEU E 134 -4.08 -1.13 16.36
C LEU E 134 -3.15 -2.13 15.68
N CYS E 135 -1.97 -1.68 15.26
CA CYS E 135 -0.98 -2.55 14.64
C CYS E 135 -0.41 -3.55 15.64
N ALA E 136 -0.20 -3.13 16.89
CA ALA E 136 0.28 -4.04 17.92
C ALA E 136 -0.77 -5.08 18.30
N GLN E 137 -2.05 -4.69 18.37
CA GLN E 137 -3.06 -5.69 18.68
C GLN E 137 -3.30 -6.62 17.50
N GLN E 138 -3.06 -6.16 16.28
CA GLN E 138 -3.10 -7.06 15.13
C GLN E 138 -1.91 -8.02 15.13
N GLU E 139 -0.74 -7.58 15.59
CA GLU E 139 0.40 -8.48 15.72
C GLU E 139 0.13 -9.55 16.77
N ASP E 140 -0.44 -9.16 17.90
CA ASP E 140 -0.79 -10.12 18.94
C ASP E 140 -1.90 -11.07 18.50
N GLU E 141 -2.87 -10.57 17.73
CA GLU E 141 -3.90 -11.43 17.16
C GLU E 141 -3.32 -12.43 16.17
N LEU E 142 -2.36 -12.00 15.35
CA LEU E 142 -1.68 -12.91 14.43
C LEU E 142 -0.87 -13.96 15.18
N ILE E 143 -0.26 -13.59 16.30
CA ILE E 143 0.52 -14.53 17.09
C ILE E 143 -0.38 -15.53 17.79
N PHE E 144 -1.51 -15.10 18.33
CA PHE E 144 -2.31 -16.06 19.08
C PHE E 144 -3.34 -16.79 18.23
N TYR E 145 -4.02 -16.10 17.30
CA TYR E 145 -5.01 -16.73 16.42
C TYR E 145 -4.67 -16.33 15.00
N GLY E 146 -3.81 -17.10 14.33
CA GLY E 146 -3.25 -16.67 13.07
C GLY E 146 -4.26 -16.58 11.94
N ASP E 147 -3.87 -15.87 10.89
CA ASP E 147 -4.75 -15.51 9.80
C ASP E 147 -5.14 -16.74 8.99
N ALA E 148 -6.39 -17.18 9.14
CA ALA E 148 -6.85 -18.37 8.44
C ALA E 148 -7.06 -18.12 6.95
N ARG E 149 -7.35 -16.87 6.57
CA ARG E 149 -7.40 -16.51 5.15
C ARG E 149 -6.02 -16.65 4.51
N LEU E 150 -4.98 -16.21 5.22
CA LEU E 150 -3.63 -16.29 4.71
C LEU E 150 -2.94 -17.58 5.10
N GLY E 151 -3.60 -18.45 5.85
CA GLY E 151 -3.03 -19.74 6.17
C GLY E 151 -2.04 -19.76 7.31
N TYR E 152 -2.07 -18.77 8.19
CA TYR E 152 -1.18 -18.74 9.33
C TYR E 152 -1.86 -19.37 10.54
N GLU E 153 -1.07 -20.09 11.33
CA GLU E 153 -1.55 -20.70 12.56
C GLU E 153 -1.01 -19.92 13.74
N GLY E 154 -1.88 -19.60 14.68
CA GLY E 154 -1.46 -18.99 15.92
C GLY E 154 -1.04 -20.01 16.95
N LEU E 155 -0.71 -19.51 18.12
CA LEU E 155 -0.43 -20.39 19.25
C LEU E 155 -1.67 -21.13 19.70
N MET E 156 -2.84 -20.51 19.61
CA MET E 156 -4.06 -21.14 20.05
C MET E 156 -4.73 -21.99 18.99
N THR E 157 -4.26 -21.93 17.76
CA THR E 157 -4.93 -22.62 16.66
C THR E 157 -4.03 -23.60 15.93
N ALA E 158 -2.83 -23.86 16.46
CA ALA E 158 -1.88 -24.71 15.76
C ALA E 158 -2.35 -26.16 15.80
N ASN E 159 -2.38 -26.79 14.64
CA ASN E 159 -2.68 -28.21 14.57
C ASN E 159 -1.52 -28.99 15.17
N GLY E 160 -1.83 -30.12 15.79
CA GLY E 160 -0.83 -30.67 16.67
C GLY E 160 -0.68 -29.81 17.89
N ARG E 161 -1.68 -29.78 18.73
CA ARG E 161 -1.61 -28.97 19.92
C ARG E 161 -1.87 -29.89 21.09
N LEU E 162 -1.08 -29.72 22.14
CA LEU E 162 -1.50 -30.32 23.39
C LEU E 162 -2.66 -29.51 23.94
N THR E 163 -3.57 -30.18 24.61
CA THR E 163 -4.78 -29.55 25.08
C THR E 163 -5.14 -30.13 26.43
N VAL E 164 -5.22 -29.27 27.44
CA VAL E 164 -5.78 -29.72 28.71
C VAL E 164 -7.05 -28.91 28.94
N PRO E 165 -8.09 -29.47 29.55
CA PRO E 165 -9.25 -28.66 29.91
C PRO E 165 -8.90 -27.73 31.06
N LEU E 166 -9.69 -26.64 31.14
CA LEU E 166 -9.59 -25.77 32.29
C LEU E 166 -10.03 -26.49 33.56
N GLY E 167 -11.10 -27.26 33.47
CA GLY E 167 -11.69 -27.76 34.69
C GLY E 167 -12.40 -26.64 35.41
N ASP E 168 -12.45 -26.75 36.73
CA ASP E 168 -13.09 -25.74 37.55
C ASP E 168 -12.04 -24.74 37.98
N TRP E 169 -12.03 -23.58 37.34
CA TRP E 169 -11.14 -22.50 37.74
C TRP E 169 -11.71 -21.66 38.86
N THR E 170 -12.98 -21.81 39.18
CA THR E 170 -13.60 -21.14 40.31
C THR E 170 -13.55 -22.03 41.55
N SER E 171 -12.33 -22.32 41.97
CA SER E 171 -12.02 -23.11 43.14
C SER E 171 -10.84 -22.41 43.83
N PRO E 172 -10.43 -22.82 45.05
CA PRO E 172 -9.14 -22.33 45.58
C PRO E 172 -7.94 -22.54 44.67
N GLY E 173 -7.63 -23.75 44.23
CA GLY E 173 -6.78 -23.86 43.07
C GLY E 173 -7.41 -24.65 41.96
N GLY E 174 -7.75 -24.00 40.86
CA GLY E 174 -8.09 -24.72 39.66
C GLY E 174 -7.20 -24.28 38.53
N GLY E 175 -6.68 -23.06 38.65
CA GLY E 175 -5.78 -22.56 37.64
C GLY E 175 -4.42 -23.21 37.72
N PHE E 176 -3.90 -23.37 38.95
CA PHE E 176 -2.61 -23.99 39.17
C PHE E 176 -2.63 -25.45 38.75
N GLN E 177 -3.75 -26.14 38.98
CA GLN E 177 -3.86 -27.54 38.58
C GLN E 177 -3.90 -27.69 37.07
N ALA E 178 -4.53 -26.75 36.37
CA ALA E 178 -4.51 -26.76 34.91
C ALA E 178 -3.12 -26.50 34.36
N ILE E 179 -2.37 -25.60 34.99
CA ILE E 179 -0.98 -25.39 34.59
C ILE E 179 -0.12 -26.60 34.91
N VAL E 180 -0.41 -27.30 36.01
CA VAL E 180 0.31 -28.53 36.37
C VAL E 180 0.08 -29.61 35.33
N GLU E 181 -1.17 -29.80 34.90
CA GLU E 181 -1.49 -30.77 33.86
C GLU E 181 -0.90 -30.40 32.51
N ALA E 182 -0.90 -29.10 32.19
CA ALA E 182 -0.30 -28.64 30.94
C ALA E 182 1.20 -28.87 30.91
N THR E 183 1.88 -28.58 32.02
CA THR E 183 3.32 -28.82 32.08
C THR E 183 3.65 -30.30 32.14
N ARG E 184 2.74 -31.12 32.68
CA ARG E 184 2.92 -32.57 32.62
C ARG E 184 2.85 -33.07 31.19
N LYS E 185 1.87 -32.60 30.42
CA LYS E 185 1.77 -32.99 29.01
C LYS E 185 2.95 -32.51 28.19
N LEU E 186 3.41 -31.27 28.46
CA LEU E 186 4.55 -30.72 27.74
C LEU E 186 5.83 -31.47 28.08
N ASN E 187 5.97 -31.89 29.34
CA ASN E 187 7.10 -32.70 29.77
C ASN E 187 7.05 -34.09 29.14
N GLU E 188 5.86 -34.66 29.03
CA GLU E 188 5.71 -35.97 28.40
C GLU E 188 5.86 -35.92 26.88
N GLN E 189 5.88 -34.75 26.27
CA GLN E 189 6.28 -34.66 24.89
C GLN E 189 7.75 -34.29 24.72
N GLY E 190 8.49 -34.21 25.82
CA GLY E 190 9.88 -33.85 25.73
C GLY E 190 10.14 -32.37 25.65
N HIS E 191 9.20 -31.54 26.07
CA HIS E 191 9.36 -30.10 26.05
C HIS E 191 9.41 -29.61 27.49
N PHE E 192 10.53 -29.08 27.90
CA PHE E 192 10.84 -28.87 29.30
C PHE E 192 11.03 -27.39 29.57
N GLY E 193 11.46 -27.12 30.78
CA GLY E 193 12.28 -25.96 31.02
C GLY E 193 11.41 -24.80 31.38
N PRO E 194 11.83 -23.60 30.97
CA PRO E 194 11.02 -22.42 31.24
C PRO E 194 9.74 -22.48 30.43
N TYR E 195 8.63 -22.46 31.12
CA TYR E 195 7.33 -22.33 30.51
C TYR E 195 6.89 -20.89 30.62
N ALA E 196 6.11 -20.47 29.64
CA ALA E 196 5.45 -19.18 29.69
C ALA E 196 3.95 -19.46 29.58
N VAL E 197 3.17 -18.83 30.44
CA VAL E 197 1.73 -19.00 30.44
C VAL E 197 1.13 -17.67 30.04
N VAL E 198 0.27 -17.69 29.03
CA VAL E 198 -0.50 -16.53 28.63
C VAL E 198 -1.97 -16.84 28.88
N LEU E 199 -2.63 -15.98 29.63
CA LEU E 199 -4.02 -16.19 29.97
C LEU E 199 -4.86 -15.06 29.42
N SER E 200 -6.14 -15.33 29.26
CA SER E 200 -7.09 -14.27 29.02
C SER E 200 -7.27 -13.47 30.31
N PRO E 201 -7.70 -12.20 30.22
CA PRO E 201 -7.79 -11.36 31.43
C PRO E 201 -8.78 -11.83 32.48
N ARG E 202 -9.80 -12.60 32.09
CA ARG E 202 -10.68 -13.24 33.06
C ARG E 202 -9.92 -14.26 33.91
N LEU E 203 -9.18 -15.15 33.24
CA LEU E 203 -8.39 -16.16 33.93
C LEU E 203 -7.26 -15.55 34.72
N TYR E 204 -6.58 -14.55 34.16
CA TYR E 204 -5.47 -13.91 34.84
C TYR E 204 -5.93 -13.11 36.06
N SER E 205 -7.13 -12.54 36.02
CA SER E 205 -7.66 -11.85 37.17
C SER E 205 -8.18 -12.81 38.22
N GLN E 206 -8.65 -13.99 37.80
CA GLN E 206 -9.13 -15.00 38.74
C GLN E 206 -8.02 -15.53 39.64
N LEU E 207 -6.79 -15.54 39.17
CA LEU E 207 -5.69 -16.20 39.86
C LEU E 207 -5.03 -15.36 40.92
N HIS E 208 -5.45 -14.12 41.12
CA HIS E 208 -4.96 -13.33 42.25
C HIS E 208 -5.81 -13.62 43.47
N ARG E 209 -5.69 -14.86 43.94
CA ARG E 209 -6.49 -15.38 45.05
C ARG E 209 -5.60 -16.26 45.91
N ILE E 210 -6.10 -16.59 47.09
CA ILE E 210 -5.38 -17.44 48.02
C ILE E 210 -5.57 -18.88 47.59
N TYR E 211 -4.47 -19.59 47.33
CA TYR E 211 -4.52 -21.03 47.19
C TYR E 211 -3.76 -21.75 48.30
N GLU E 212 -2.50 -21.44 48.50
CA GLU E 212 -1.73 -22.20 49.46
C GLU E 212 -1.67 -21.42 50.76
N LYS E 213 -1.58 -22.15 51.86
CA LYS E 213 -1.84 -21.62 53.20
C LYS E 213 -0.77 -20.68 53.69
N THR E 214 0.35 -20.57 52.99
CA THR E 214 1.39 -19.59 53.26
C THR E 214 1.03 -18.19 52.81
N GLY E 215 -0.12 -17.98 52.18
CA GLY E 215 -0.53 -16.67 51.76
C GLY E 215 0.01 -16.23 50.43
N VAL E 216 0.81 -17.05 49.77
CA VAL E 216 1.23 -16.79 48.41
C VAL E 216 0.04 -16.92 47.49
N LEU E 217 -0.14 -15.94 46.61
CA LEU E 217 -1.25 -16.00 45.68
C LEU E 217 -1.00 -17.07 44.63
N GLU E 218 -2.09 -17.55 44.04
CA GLU E 218 -2.04 -18.65 43.08
C GLU E 218 -1.29 -18.29 41.80
N ILE E 219 -1.29 -17.01 41.45
CA ILE E 219 -0.52 -16.50 40.33
C ILE E 219 0.98 -16.66 40.57
N GLU E 220 1.43 -16.52 41.81
CA GLU E 220 2.86 -16.65 42.09
C GLU E 220 3.28 -18.11 42.22
N THR E 221 2.38 -18.98 42.64
CA THR E 221 2.62 -20.42 42.58
C THR E 221 2.77 -20.88 41.13
N ILE E 222 1.94 -20.34 40.24
CA ILE E 222 2.10 -20.63 38.82
C ILE E 222 3.38 -19.99 38.28
N ARG E 223 3.75 -18.82 38.80
CA ARG E 223 4.97 -18.15 38.35
C ARG E 223 6.23 -18.89 38.77
N GLN E 224 6.21 -19.60 39.90
CA GLN E 224 7.33 -20.47 40.16
C GLN E 224 7.20 -21.79 39.42
N LEU E 225 6.03 -22.12 38.91
CA LEU E 225 5.92 -23.25 37.99
C LEU E 225 6.20 -22.88 36.54
N ALA E 226 5.90 -21.66 36.12
CA ALA E 226 6.16 -21.16 34.78
C ALA E 226 7.24 -20.10 34.86
N SER E 227 8.49 -20.52 34.64
CA SER E 227 9.65 -19.69 34.96
C SER E 227 9.80 -18.49 34.04
N ASP E 228 9.34 -18.57 32.80
CA ASP E 228 9.49 -17.44 31.89
C ASP E 228 8.24 -16.59 31.81
N GLY E 229 7.46 -16.55 32.87
CA GLY E 229 6.50 -15.50 33.06
C GLY E 229 5.08 -15.96 32.81
N VAL E 230 4.15 -15.40 33.58
CA VAL E 230 2.73 -15.52 33.35
C VAL E 230 2.22 -14.14 32.94
N TYR E 231 1.56 -14.09 31.80
CA TYR E 231 1.17 -12.85 31.16
C TYR E 231 -0.32 -12.92 30.88
N GLN E 232 -0.92 -11.76 30.71
CA GLN E 232 -2.29 -11.71 30.25
C GLN E 232 -2.33 -11.06 28.88
N SER E 233 -3.26 -11.51 28.06
CA SER E 233 -3.44 -10.97 26.73
C SER E 233 -4.93 -10.80 26.50
N ASN E 234 -5.33 -9.57 26.18
CA ASN E 234 -6.71 -9.27 25.84
C ASN E 234 -7.14 -9.85 24.49
N ARG E 235 -6.21 -10.32 23.67
CA ARG E 235 -6.60 -10.99 22.43
C ARG E 235 -7.09 -12.40 22.67
N LEU E 236 -6.77 -13.01 23.80
CA LEU E 236 -7.28 -14.33 24.10
C LEU E 236 -8.76 -14.25 24.42
N ARG E 237 -9.52 -15.21 23.91
CA ARG E 237 -10.97 -15.10 23.81
C ARG E 237 -11.63 -15.98 24.86
N GLY E 238 -12.54 -15.38 25.64
CA GLY E 238 -13.26 -16.11 26.65
C GLY E 238 -12.37 -16.56 27.79
N GLU E 239 -12.71 -17.71 28.37
CA GLU E 239 -11.85 -18.40 29.31
C GLU E 239 -10.86 -19.25 28.52
N SER E 240 -9.64 -18.78 28.34
CA SER E 240 -8.69 -19.49 27.50
C SER E 240 -7.26 -19.19 27.94
N GLY E 241 -6.37 -20.12 27.64
CA GLY E 241 -4.98 -19.86 27.97
C GLY E 241 -4.08 -20.74 27.15
N VAL E 242 -2.79 -20.47 27.27
CA VAL E 242 -1.78 -21.26 26.56
C VAL E 242 -0.54 -21.33 27.43
N VAL E 243 0.07 -22.51 27.47
CA VAL E 243 1.36 -22.74 28.10
C VAL E 243 2.32 -23.14 26.99
N VAL E 244 3.46 -22.47 26.93
CA VAL E 244 4.42 -22.71 25.87
C VAL E 244 5.77 -23.05 26.49
N SER E 245 6.43 -24.05 25.93
CA SER E 245 7.84 -24.31 26.23
C SER E 245 8.62 -23.34 25.39
N THR E 246 9.13 -22.30 26.02
CA THR E 246 9.71 -21.20 25.29
C THR E 246 11.10 -21.57 24.78
N GLY E 247 11.45 -21.00 23.67
CA GLY E 247 12.77 -21.21 23.13
C GLY E 247 12.72 -21.10 21.62
N ARG E 248 13.84 -20.68 21.05
CA ARG E 248 13.99 -20.52 19.61
C ARG E 248 13.83 -21.84 18.86
N GLU E 249 14.16 -22.96 19.51
CA GLU E 249 14.01 -24.26 18.90
C GLU E 249 12.56 -24.69 18.77
N ASN E 250 11.66 -24.18 19.61
CA ASN E 250 10.27 -24.60 19.58
C ASN E 250 9.39 -23.69 18.75
N MET E 251 9.58 -22.39 18.87
CA MET E 251 8.77 -21.40 18.18
C MET E 251 9.58 -20.14 18.08
N ASP E 252 9.20 -19.29 17.13
CA ASP E 252 10.06 -18.20 16.78
C ASP E 252 9.19 -17.08 16.23
N LEU E 253 9.69 -15.86 16.29
CA LEU E 253 9.05 -14.73 15.64
C LEU E 253 9.98 -14.24 14.55
N ALA E 254 9.68 -14.62 13.31
CA ALA E 254 10.47 -14.19 12.17
C ALA E 254 10.08 -12.77 11.83
N VAL E 255 10.94 -11.81 12.12
CA VAL E 255 10.67 -10.41 11.88
C VAL E 255 11.43 -9.99 10.63
N SER E 256 10.71 -9.68 9.56
CA SER E 256 11.33 -9.06 8.41
C SER E 256 11.67 -7.60 8.70
N MET E 257 10.70 -6.84 9.18
CA MET E 257 10.98 -5.50 9.64
C MET E 257 10.15 -5.22 10.87
N ASP E 258 10.78 -4.57 11.85
CA ASP E 258 10.09 -4.18 13.05
C ASP E 258 9.21 -2.97 12.78
N MET E 259 8.38 -2.64 13.77
CA MET E 259 7.32 -1.65 13.61
C MET E 259 7.88 -0.26 13.41
N VAL E 260 7.40 0.42 12.38
CA VAL E 260 8.01 1.65 11.90
C VAL E 260 6.94 2.45 11.19
N ALA E 261 7.11 3.76 11.15
CA ALA E 261 6.19 4.65 10.47
C ALA E 261 6.77 5.05 9.12
N ALA E 262 5.99 4.84 8.08
CA ALA E 262 6.35 5.18 6.71
C ALA E 262 5.43 6.27 6.20
N TYR E 263 6.01 7.27 5.55
CA TYR E 263 5.25 8.31 4.90
C TYR E 263 4.76 7.84 3.54
N LEU E 264 3.49 8.05 3.23
CA LEU E 264 2.88 7.56 2.01
C LEU E 264 2.78 8.60 0.90
N GLY E 265 3.33 9.78 1.08
CA GLY E 265 3.19 10.80 0.07
C GLY E 265 1.93 11.60 0.24
N ALA E 266 2.01 12.90 0.00
CA ALA E 266 0.93 13.84 0.30
C ALA E 266 -0.29 13.61 -0.56
N SER E 267 -1.46 13.58 0.07
CA SER E 267 -2.72 13.47 -0.62
C SER E 267 -3.59 14.63 -0.18
N ARG E 268 -3.91 15.52 -1.14
CA ARG E 268 -4.71 16.73 -0.95
C ARG E 268 -4.10 17.63 0.12
N MET E 269 -2.77 17.69 0.11
CA MET E 269 -1.82 18.40 0.96
C MET E 269 -1.74 17.84 2.37
N ASN E 270 -2.54 16.86 2.73
CA ASN E 270 -2.47 16.20 4.01
C ASN E 270 -1.42 15.11 3.94
N HIS E 271 -1.00 14.61 5.09
CA HIS E 271 0.15 13.71 5.17
C HIS E 271 -0.26 12.36 5.72
N PRO E 272 -0.54 11.38 4.88
CA PRO E 272 -0.81 10.04 5.36
C PRO E 272 0.46 9.27 5.65
N PHE E 273 0.47 8.61 6.79
CA PHE E 273 1.53 7.74 7.23
C PHE E 273 0.93 6.38 7.50
N ARG E 274 1.79 5.41 7.77
CA ARG E 274 1.39 4.05 8.06
C ARG E 274 2.38 3.49 9.05
N VAL E 275 1.89 2.91 10.13
CA VAL E 275 2.75 2.11 10.96
C VAL E 275 2.63 0.67 10.50
N LEU E 276 3.76 0.03 10.35
CA LEU E 276 3.78 -1.28 9.74
C LEU E 276 4.92 -2.07 10.33
N GLU E 277 4.71 -3.37 10.39
CA GLU E 277 5.76 -4.32 10.64
C GLU E 277 5.51 -5.52 9.76
N ALA E 278 6.56 -6.27 9.50
CA ALA E 278 6.41 -7.50 8.75
C ALA E 278 6.93 -8.61 9.65
N LEU E 279 6.05 -9.46 10.14
CA LEU E 279 6.49 -10.55 10.98
C LEU E 279 5.57 -11.75 10.83
N LEU E 280 6.12 -12.90 11.19
CA LEU E 280 5.47 -14.18 11.09
C LEU E 280 5.80 -14.97 12.35
N LEU E 281 4.85 -15.77 12.81
CA LEU E 281 5.11 -16.70 13.89
C LEU E 281 5.42 -18.06 13.32
N ARG E 282 6.56 -18.63 13.71
CA ARG E 282 6.97 -19.94 13.25
C ARG E 282 6.87 -20.92 14.39
N ILE E 283 5.87 -21.81 14.34
CA ILE E 283 5.77 -22.90 15.31
C ILE E 283 6.63 -24.03 14.75
N LYS E 284 7.87 -24.12 15.24
CA LYS E 284 8.75 -25.19 14.81
C LYS E 284 8.44 -26.50 15.52
N HIS E 285 7.98 -26.45 16.77
CA HIS E 285 7.46 -27.61 17.48
C HIS E 285 6.04 -27.37 17.93
N PRO E 286 5.06 -27.90 17.25
CA PRO E 286 3.70 -27.99 17.78
C PRO E 286 3.51 -29.23 18.65
N ASP E 287 4.35 -29.35 19.66
CA ASP E 287 4.11 -30.15 20.84
C ASP E 287 4.46 -29.34 22.06
N ALA E 288 5.15 -28.23 21.87
CA ALA E 288 5.56 -27.29 22.89
C ALA E 288 4.48 -26.28 23.21
N ILE E 289 3.24 -26.52 22.80
CA ILE E 289 2.10 -25.65 23.05
C ILE E 289 1.01 -26.51 23.66
N CYS E 290 0.57 -26.15 24.86
CA CYS E 290 -0.59 -26.77 25.49
C CYS E 290 -1.61 -25.68 25.75
N THR E 291 -2.77 -25.79 25.12
CA THR E 291 -3.81 -24.81 25.33
C THR E 291 -4.75 -25.23 26.44
N LEU E 292 -5.15 -24.24 27.21
CA LEU E 292 -6.09 -24.33 28.32
C LEU E 292 -7.44 -24.03 27.72
N GLU E 293 -8.18 -25.08 27.40
CA GLU E 293 -9.45 -24.97 26.71
C GLU E 293 -10.61 -25.14 27.67
N GLY F 1 18.42 -3.67 13.31
CA GLY F 1 17.31 -3.09 12.58
C GLY F 1 15.99 -3.22 13.33
N LEU F 2 16.07 -3.54 14.62
CA LEU F 2 14.88 -3.65 15.44
C LEU F 2 14.56 -2.30 16.06
N THR F 3 13.27 -2.00 16.16
CA THR F 3 12.81 -0.76 16.78
C THR F 3 12.05 -1.03 18.08
N VAL F 4 11.00 -1.85 18.01
CA VAL F 4 10.38 -2.40 19.20
C VAL F 4 11.36 -3.32 19.91
N GLY F 5 11.95 -4.23 19.15
CA GLY F 5 12.97 -5.10 19.64
C GLY F 5 12.40 -6.31 20.35
N SER F 6 13.31 -7.08 20.94
CA SER F 6 12.92 -8.23 21.73
C SER F 6 12.46 -7.77 23.11
N LEU F 7 11.35 -8.34 23.56
CA LEU F 7 10.77 -8.03 24.87
C LEU F 7 10.89 -9.19 25.84
N ARG F 8 11.83 -10.11 25.60
CA ARG F 8 12.00 -11.32 26.41
C ARG F 8 12.45 -10.93 27.82
N GLY F 9 11.56 -11.10 28.78
CA GLY F 9 11.82 -10.71 30.16
C GLY F 9 11.05 -9.48 30.59
#